data_8CYH
#
_entry.id   8CYH
#
_cell.length_a   65.112
_cell.length_b   124.862
_cell.length_c   302.748
_cell.angle_alpha   90.000
_cell.angle_beta   90.000
_cell.angle_gamma   90.000
#
_symmetry.space_group_name_H-M   'I 2 2 2'
#
loop_
_entity.id
_entity.type
_entity.pdbx_description
1 polymer 'A12 antibody light chain'
2 polymer 'A12 antibody heavy chain'
3 polymer 'Mesothelin, cleaved form'
4 non-polymer 2-acetamido-2-deoxy-beta-D-glucopyranose
#
loop_
_entity_poly.entity_id
_entity_poly.type
_entity_poly.pdbx_seq_one_letter_code
_entity_poly.pdbx_strand_id
1 'polypeptide(L)'
;DIQMTQSPSSLSASVGDRVTITCRSSQGIGSWLAWYQQKPEKAPQSLIYAASSLQSGVPSRFSGSGSGTDFTLTISNLQP
EDFATYYCQQYNSYPLTFGGGTKVEIKRTVAAPSVFIFPPSDEQLKSGTASVVCLLNNFYPREAKVQWKVDNALQSGNSQ
ESVTEQDSKDSTYSLSSTLTLSKADYEKHKVYACEVTHQGLSSPVTKSFNRGEC
;
L
2 'polypeptide(L)'
;EEVQLLESGGGLVQPGGSLRLSCAASGLTFRSYAMTWVRQAPGKGLEWVSGISVSGGITYYADSVKGRFTISRDNSKNTL
YLQMNSLRAEDTAVYYCAKRGAAVGSFDYWGQGTLVTVSSASTKGPSVFPLAPSSKSTSGGTAALGCLVKDYFPEPVTVS
WNSGALTSGVHTFPAVLQSSGLYSLSSVVTVPSSSLGTQTYICNVNHKPSNTKVDKKVEPKS
;
H
3 'polypeptide(L)'
;EVEKTACPSGKKAREIDESLIFYKKWELEACVDAALLATQMDRVNAIPFTYEQLDVLKHKLDELYPQGYPESVIQHLGYL
FLKMSPEDIRKWNVTSLETLKALLEVNKGHEMSPQAPRRPLPQVATLIDRFVKGRGQLDKDTLDTLTAFYPGYLCSLSPE
ELSSVPPSSIWAVRPQDLDTCDPRQLDVLYPKARLAFQNMNGSEYFVKIQSFLGGAPTEDLKALSQQNVSMDLATFMKLR
TDAVLPLTVAEVQKLLGPHVEGLKAEERHRPVRDWILRQRQDDLDTLGLGLQGGIPNGYLVLDLSMQEALGSGLNDIFEA
QKIEWHE
;
M
#
loop_
_chem_comp.id
_chem_comp.type
_chem_comp.name
_chem_comp.formula
NAG D-saccharide, beta linking 2-acetamido-2-deoxy-beta-D-glucopyranose 'C8 H15 N O6'
#
# COMPACT_ATOMS: atom_id res chain seq x y z
N ASP A 1 18.39 15.97 -4.15
CA ASP A 1 17.64 15.13 -5.12
C ASP A 1 17.89 13.64 -4.80
N ILE A 2 16.93 13.00 -4.10
CA ILE A 2 16.85 11.52 -3.92
C ILE A 2 16.11 10.91 -5.12
N GLN A 3 16.77 10.03 -5.86
CA GLN A 3 16.20 9.37 -7.06
C GLN A 3 15.32 8.20 -6.59
N MET A 4 14.00 8.30 -6.86
CA MET A 4 13.04 7.15 -6.79
C MET A 4 12.87 6.57 -8.19
N THR A 5 12.84 5.24 -8.31
CA THR A 5 12.70 4.50 -9.58
C THR A 5 11.84 3.26 -9.33
N GLN A 6 10.80 3.09 -10.14
CA GLN A 6 9.77 2.04 -9.96
C GLN A 6 10.02 0.91 -10.97
N SER A 7 9.47 -0.27 -10.67
CA SER A 7 9.52 -1.45 -11.56
C SER A 7 8.23 -2.25 -11.38
N PRO A 8 7.55 -2.64 -12.48
CA PRO A 8 7.90 -2.18 -13.83
C PRO A 8 7.39 -0.75 -14.12
N SER A 9 7.39 -0.36 -15.40
CA SER A 9 6.76 0.87 -15.95
C SER A 9 5.32 0.56 -16.37
N SER A 10 5.13 -0.57 -17.03
CA SER A 10 3.83 -1.07 -17.52
C SER A 10 3.68 -2.56 -17.17
N LEU A 11 2.49 -2.96 -16.76
CA LEU A 11 2.18 -4.32 -16.27
C LEU A 11 0.73 -4.65 -16.63
N SER A 12 0.52 -5.65 -17.46
CA SER A 12 -0.83 -6.21 -17.78
C SER A 12 -1.09 -7.45 -16.93
N ALA A 13 -2.23 -7.50 -16.26
CA ALA A 13 -2.68 -8.62 -15.41
C ALA A 13 -4.20 -8.74 -15.49
N SER A 14 -4.74 -9.92 -15.17
CA SER A 14 -6.19 -10.22 -15.16
C SER A 14 -6.73 -9.98 -13.76
N VAL A 15 -8.07 -10.01 -13.61
CA VAL A 15 -8.77 -9.73 -12.33
C VAL A 15 -8.57 -10.93 -11.38
N GLY A 16 -8.59 -10.68 -10.08
CA GLY A 16 -8.34 -11.69 -9.02
C GLY A 16 -6.90 -12.19 -9.04
N ASP A 17 -5.93 -11.30 -9.29
CA ASP A 17 -4.47 -11.60 -9.33
C ASP A 17 -3.77 -10.91 -8.16
N ARG A 18 -2.62 -11.42 -7.73
CA ARG A 18 -1.72 -10.78 -6.73
C ARG A 18 -0.59 -10.06 -7.49
N VAL A 19 -0.73 -8.75 -7.69
CA VAL A 19 0.22 -7.89 -8.46
C VAL A 19 1.19 -7.23 -7.47
N THR A 20 2.49 -7.26 -7.79
CA THR A 20 3.58 -6.67 -6.99
C THR A 20 4.25 -5.54 -7.80
N ILE A 21 4.24 -4.33 -7.25
CA ILE A 21 5.00 -3.16 -7.79
C ILE A 21 6.19 -2.87 -6.87
N THR A 22 7.31 -2.48 -7.46
CA THR A 22 8.59 -2.22 -6.75
C THR A 22 8.86 -0.71 -6.73
N CYS A 23 9.46 -0.22 -5.65
CA CYS A 23 10.02 1.15 -5.53
C CYS A 23 11.39 1.06 -4.84
N ARG A 24 12.37 1.84 -5.31
CA ARG A 24 13.80 1.73 -4.90
C ARG A 24 14.42 3.14 -4.90
N SER A 25 14.55 3.75 -3.71
CA SER A 25 15.25 5.04 -3.48
C SER A 25 16.75 4.85 -3.67
N SER A 26 17.43 5.88 -4.21
CA SER A 26 18.89 5.91 -4.42
C SER A 26 19.62 5.91 -3.06
N GLN A 27 18.93 6.37 -2.01
CA GLN A 27 19.48 6.52 -0.64
C GLN A 27 18.47 5.99 0.38
N GLY A 28 18.95 5.53 1.53
CA GLY A 28 18.11 5.23 2.70
C GLY A 28 17.10 6.34 2.93
N ILE A 29 15.85 5.97 3.22
CA ILE A 29 14.74 6.92 3.54
C ILE A 29 13.89 6.32 4.66
N GLY A 30 14.48 5.49 5.52
CA GLY A 30 13.76 4.67 6.51
C GLY A 30 12.39 4.26 6.00
N SER A 31 11.32 4.84 6.58
CA SER A 31 9.91 4.43 6.39
C SER A 31 9.08 5.60 5.84
N TRP A 32 9.75 6.65 5.34
CA TRP A 32 9.11 7.88 4.81
C TRP A 32 8.72 7.66 3.35
N LEU A 33 7.86 6.70 3.10
CA LEU A 33 7.42 6.25 1.76
C LEU A 33 5.89 6.30 1.73
N ALA A 34 5.31 6.66 0.58
CA ALA A 34 3.84 6.67 0.36
C ALA A 34 3.52 6.09 -1.02
N TRP A 35 2.26 5.68 -1.21
CA TRP A 35 1.75 5.17 -2.50
C TRP A 35 0.49 5.93 -2.90
N TYR A 36 0.38 6.28 -4.19
CA TYR A 36 -0.67 7.15 -4.75
C TYR A 36 -1.26 6.49 -6.00
N GLN A 37 -2.59 6.34 -6.02
CA GLN A 37 -3.37 5.84 -7.18
C GLN A 37 -3.87 7.02 -8.00
N GLN A 38 -3.77 6.92 -9.32
CA GLN A 38 -4.34 7.90 -10.27
C GLN A 38 -5.00 7.16 -11.43
N LYS A 39 -6.32 7.33 -11.58
CA LYS A 39 -7.08 6.92 -12.77
C LYS A 39 -7.28 8.14 -13.67
N PRO A 40 -7.20 7.99 -15.01
CA PRO A 40 -7.02 9.11 -15.91
C PRO A 40 -8.10 10.20 -15.77
N GLU A 41 -7.72 11.46 -16.02
CA GLU A 41 -8.64 12.64 -16.04
C GLU A 41 -9.18 12.91 -14.63
N LYS A 42 -8.61 12.23 -13.62
CA LYS A 42 -8.96 12.40 -12.18
C LYS A 42 -7.68 12.71 -11.37
N ALA A 43 -7.85 13.20 -10.15
CA ALA A 43 -6.76 13.56 -9.21
C ALA A 43 -6.15 12.29 -8.63
N PRO A 44 -4.90 12.32 -8.15
CA PRO A 44 -4.33 11.22 -7.39
C PRO A 44 -5.04 11.04 -6.05
N GLN A 45 -5.00 9.81 -5.50
CA GLN A 45 -5.61 9.42 -4.21
C GLN A 45 -4.59 8.67 -3.36
N SER A 46 -4.53 8.94 -2.06
CA SER A 46 -3.60 8.29 -1.10
C SER A 46 -4.05 6.85 -0.82
N LEU A 47 -3.11 5.90 -0.84
CA LEU A 47 -3.30 4.47 -0.43
C LEU A 47 -2.56 4.22 0.88
N ILE A 48 -1.24 4.47 0.89
CA ILE A 48 -0.27 4.04 1.93
C ILE A 48 0.49 5.26 2.45
N TYR A 49 0.58 5.42 3.77
CA TYR A 49 1.57 6.30 4.45
C TYR A 49 2.50 5.44 5.30
N ALA A 50 3.68 5.99 5.64
CA ALA A 50 4.70 5.39 6.51
C ALA A 50 5.08 4.00 5.98
N ALA A 51 5.10 3.83 4.65
CA ALA A 51 5.68 2.67 3.93
C ALA A 51 4.71 1.47 3.99
N SER A 52 3.86 1.40 5.03
CA SER A 52 3.07 0.19 5.40
C SER A 52 1.61 0.57 5.69
N SER A 53 1.37 1.64 6.45
CA SER A 53 0.04 2.04 6.97
C SER A 53 -0.93 2.31 5.80
N LEU A 54 -2.12 1.68 5.84
CA LEU A 54 -3.30 2.04 5.00
C LEU A 54 -3.79 3.44 5.38
N GLN A 55 -3.99 4.32 4.40
CA GLN A 55 -4.95 5.46 4.50
C GLN A 55 -6.34 4.87 4.72
N SER A 56 -7.28 5.69 5.17
CA SER A 56 -8.66 5.29 5.54
C SER A 56 -9.56 5.34 4.30
N GLY A 57 -10.51 4.41 4.20
CA GLY A 57 -11.44 4.27 3.05
C GLY A 57 -10.84 3.46 1.92
N VAL A 58 -9.66 2.87 2.16
CA VAL A 58 -8.86 2.12 1.14
C VAL A 58 -9.01 0.63 1.43
N PRO A 59 -9.32 -0.20 0.40
CA PRO A 59 -9.39 -1.65 0.56
C PRO A 59 -8.10 -2.25 1.14
N SER A 60 -8.23 -3.38 1.84
CA SER A 60 -7.14 -4.05 2.59
C SER A 60 -6.32 -4.94 1.63
N ARG A 61 -6.88 -5.26 0.45
CA ARG A 61 -6.15 -5.97 -0.63
C ARG A 61 -4.89 -5.17 -0.99
N PHE A 62 -4.83 -3.90 -0.59
CA PHE A 62 -3.65 -3.00 -0.69
C PHE A 62 -2.73 -3.20 0.52
N SER A 63 -1.49 -3.63 0.28
CA SER A 63 -0.51 -4.00 1.33
C SER A 63 0.87 -3.45 0.96
N GLY A 64 1.27 -2.35 1.59
CA GLY A 64 2.63 -1.81 1.52
C GLY A 64 3.54 -2.47 2.53
N SER A 65 4.80 -2.67 2.16
CA SER A 65 5.88 -3.19 3.03
C SER A 65 7.22 -2.60 2.60
N GLY A 66 8.21 -2.62 3.49
CA GLY A 66 9.62 -2.30 3.19
C GLY A 66 10.17 -1.19 4.08
N SER A 67 11.48 -0.99 4.03
CA SER A 67 12.21 0.16 4.63
C SER A 67 13.68 0.12 4.17
N GLY A 68 14.46 1.14 4.55
CA GLY A 68 15.76 1.45 3.94
C GLY A 68 15.58 2.06 2.56
N THR A 69 15.60 1.23 1.50
CA THR A 69 15.66 1.65 0.06
C THR A 69 14.93 0.64 -0.85
N ASP A 70 13.99 -0.14 -0.31
CA ASP A 70 13.27 -1.21 -1.06
C ASP A 70 11.86 -1.36 -0.51
N PHE A 71 10.84 -1.20 -1.37
CA PHE A 71 9.40 -1.13 -1.00
C PHE A 71 8.56 -1.84 -2.06
N THR A 72 7.31 -2.13 -1.73
CA THR A 72 6.46 -3.11 -2.44
C THR A 72 5.00 -2.86 -2.13
N LEU A 73 4.31 -2.12 -3.01
CA LEU A 73 2.82 -2.14 -3.11
C LEU A 73 2.39 -3.46 -3.73
N THR A 74 1.61 -4.26 -3.01
CA THR A 74 1.07 -5.57 -3.47
C THR A 74 -0.46 -5.55 -3.39
N ILE A 75 -1.12 -5.53 -4.56
CA ILE A 75 -2.60 -5.55 -4.70
C ILE A 75 -3.04 -7.00 -4.84
N SER A 76 -3.53 -7.60 -3.77
CA SER A 76 -4.09 -8.98 -3.75
C SER A 76 -5.48 -8.96 -4.41
N ASN A 77 -5.83 -10.04 -5.11
CA ASN A 77 -7.17 -10.23 -5.73
C ASN A 77 -7.62 -8.91 -6.37
N LEU A 78 -7.09 -8.59 -7.56
CA LEU A 78 -7.31 -7.32 -8.31
C LEU A 78 -8.80 -7.13 -8.59
N GLN A 79 -9.27 -5.89 -8.54
CA GLN A 79 -10.62 -5.49 -8.97
C GLN A 79 -10.50 -4.68 -10.26
N PRO A 80 -11.63 -4.37 -10.94
CA PRO A 80 -11.61 -3.47 -12.10
C PRO A 80 -11.26 -2.02 -11.76
N GLU A 81 -11.57 -1.59 -10.52
CA GLU A 81 -11.38 -0.21 -10.03
C GLU A 81 -9.89 0.04 -9.73
N ASP A 82 -9.05 -0.99 -9.85
CA ASP A 82 -7.64 -0.99 -9.38
C ASP A 82 -6.69 -0.83 -10.58
N PHE A 83 -7.19 -1.02 -11.79
CA PHE A 83 -6.42 -0.83 -13.05
C PHE A 83 -6.22 0.67 -13.27
N ALA A 84 -4.97 1.12 -13.15
CA ALA A 84 -4.60 2.52 -12.84
C ALA A 84 -3.08 2.67 -12.84
N THR A 85 -2.60 3.90 -12.68
CA THR A 85 -1.19 4.25 -12.48
C THR A 85 -0.92 4.34 -10.98
N TYR A 86 0.18 3.76 -10.52
CA TYR A 86 0.57 3.74 -9.09
C TYR A 86 1.92 4.45 -8.94
N TYR A 87 2.02 5.33 -7.94
CA TYR A 87 3.13 6.28 -7.72
C TYR A 87 3.66 6.10 -6.28
N CYS A 88 4.95 5.78 -6.13
CA CYS A 88 5.67 5.77 -4.83
C CYS A 88 6.32 7.14 -4.61
N GLN A 89 6.20 7.68 -3.39
CA GLN A 89 6.70 9.04 -3.01
C GLN A 89 7.49 8.96 -1.70
N GLN A 90 8.68 9.56 -1.66
CA GLN A 90 9.48 9.75 -0.43
C GLN A 90 9.14 11.12 0.18
N TYR A 91 8.99 11.17 1.50
CA TYR A 91 8.89 12.43 2.28
C TYR A 91 9.86 12.37 3.45
N ASN A 92 11.00 11.74 3.22
CA ASN A 92 12.19 11.76 4.13
C ASN A 92 12.78 13.15 4.13
N SER A 93 13.20 13.64 2.96
CA SER A 93 13.97 14.90 2.78
C SER A 93 13.37 15.70 1.62
N TYR A 94 13.44 17.02 1.69
CA TYR A 94 13.22 17.95 0.54
C TYR A 94 14.46 17.90 -0.35
N PRO A 95 14.29 17.86 -1.70
CA PRO A 95 12.97 17.93 -2.32
C PRO A 95 12.20 16.59 -2.28
N LEU A 96 10.89 16.65 -2.02
CA LEU A 96 9.97 15.48 -2.09
C LEU A 96 9.97 14.94 -3.52
N THR A 97 9.87 13.62 -3.67
CA THR A 97 9.97 12.92 -4.98
C THR A 97 8.90 11.84 -5.11
N PHE A 98 8.27 11.76 -6.28
CA PHE A 98 7.50 10.58 -6.74
C PHE A 98 8.36 9.76 -7.71
N GLY A 99 7.95 8.52 -7.98
CA GLY A 99 8.54 7.67 -9.03
C GLY A 99 7.95 7.97 -10.40
N GLY A 100 8.17 7.08 -11.37
CA GLY A 100 7.69 7.23 -12.76
C GLY A 100 6.20 7.00 -12.86
N GLY A 101 5.62 6.31 -11.88
CA GLY A 101 4.32 5.64 -11.99
C GLY A 101 4.47 4.26 -12.57
N THR A 102 3.41 3.45 -12.48
CA THR A 102 3.33 2.08 -13.05
C THR A 102 1.93 1.87 -13.62
N LYS A 103 1.77 2.09 -14.93
CA LYS A 103 0.50 1.85 -15.66
C LYS A 103 0.15 0.37 -15.54
N VAL A 104 -0.84 0.04 -14.71
CA VAL A 104 -1.38 -1.34 -14.54
C VAL A 104 -2.58 -1.50 -15.47
N GLU A 105 -2.43 -2.35 -16.50
CA GLU A 105 -3.43 -2.57 -17.57
C GLU A 105 -4.19 -3.88 -17.30
N ILE A 106 -5.38 -4.03 -17.87
CA ILE A 106 -6.12 -5.32 -17.96
C ILE A 106 -5.49 -6.17 -19.06
N LYS A 107 -5.52 -7.49 -18.90
CA LYS A 107 -4.93 -8.49 -19.84
C LYS A 107 -6.06 -9.30 -20.47
N ARG A 108 -5.87 -9.78 -21.70
CA ARG A 108 -6.93 -10.47 -22.48
C ARG A 108 -6.36 -11.03 -23.78
N THR A 109 -7.17 -11.82 -24.51
CA THR A 109 -6.93 -12.28 -25.91
C THR A 109 -6.58 -11.09 -26.79
N VAL A 110 -5.86 -11.33 -27.89
CA VAL A 110 -5.61 -10.33 -28.97
C VAL A 110 -6.96 -9.94 -29.57
N ALA A 111 -6.94 -9.00 -30.50
CA ALA A 111 -8.12 -8.52 -31.26
C ALA A 111 -7.65 -7.77 -32.51
N ALA A 112 -8.13 -8.16 -33.67
CA ALA A 112 -7.91 -7.47 -34.96
C ALA A 112 -8.56 -6.08 -34.89
N PRO A 113 -7.86 -5.02 -35.36
CA PRO A 113 -8.51 -3.73 -35.56
C PRO A 113 -9.53 -3.78 -36.69
N SER A 114 -10.78 -3.42 -36.40
CA SER A 114 -11.73 -2.83 -37.36
C SER A 114 -11.19 -1.48 -37.82
N VAL A 115 -11.08 -1.26 -39.14
CA VAL A 115 -10.33 -0.11 -39.75
C VAL A 115 -11.26 0.63 -40.71
N PHE A 116 -11.29 1.97 -40.61
CA PHE A 116 -12.06 2.89 -41.49
C PHE A 116 -11.15 4.02 -41.97
N ILE A 117 -11.66 4.83 -42.90
CA ILE A 117 -10.95 6.00 -43.48
C ILE A 117 -12.02 7.00 -43.97
N PHE A 118 -11.68 8.29 -43.94
CA PHE A 118 -12.62 9.43 -44.07
C PHE A 118 -11.99 10.55 -44.88
N PRO A 119 -12.34 10.69 -46.17
CA PRO A 119 -11.93 11.85 -46.95
C PRO A 119 -12.25 13.16 -46.23
N PRO A 120 -11.63 14.30 -46.63
CA PRO A 120 -12.01 15.62 -46.12
C PRO A 120 -13.43 16.07 -46.54
N SER A 121 -14.21 16.55 -45.55
CA SER A 121 -15.44 17.36 -45.75
C SER A 121 -15.13 18.55 -46.64
N ASP A 122 -15.99 18.81 -47.64
CA ASP A 122 -15.88 19.99 -48.52
C ASP A 122 -16.06 21.26 -47.67
N GLU A 123 -16.67 21.12 -46.49
CA GLU A 123 -16.76 22.19 -45.45
C GLU A 123 -15.36 22.67 -45.09
N GLN A 124 -14.42 21.72 -44.89
CA GLN A 124 -13.02 21.99 -44.50
C GLN A 124 -12.26 22.58 -45.70
N LEU A 125 -12.49 22.05 -46.90
CA LEU A 125 -11.67 22.29 -48.11
C LEU A 125 -11.84 23.75 -48.58
N LYS A 126 -13.01 24.34 -48.35
CA LYS A 126 -13.27 25.80 -48.59
C LYS A 126 -12.19 26.62 -47.88
N SER A 127 -12.07 26.46 -46.56
CA SER A 127 -11.18 27.25 -45.65
C SER A 127 -9.73 27.21 -46.17
N GLY A 128 -9.27 26.05 -46.65
CA GLY A 128 -7.91 25.85 -47.17
C GLY A 128 -7.42 24.43 -46.94
N THR A 129 -6.83 24.17 -45.76
CA THR A 129 -6.17 22.89 -45.40
C THR A 129 -7.20 21.75 -45.44
N ALA A 130 -6.73 20.52 -45.62
CA ALA A 130 -7.52 19.37 -46.10
C ALA A 130 -6.96 18.07 -45.51
N SER A 131 -7.74 17.37 -44.68
CA SER A 131 -7.25 16.44 -43.64
C SER A 131 -7.98 15.09 -43.74
N VAL A 132 -7.24 14.02 -44.05
CA VAL A 132 -7.76 12.62 -44.15
C VAL A 132 -7.56 11.90 -42.82
N VAL A 133 -8.58 11.18 -42.34
CA VAL A 133 -8.52 10.44 -41.05
C VAL A 133 -8.56 8.94 -41.34
N CYS A 134 -7.91 8.15 -40.47
CA CYS A 134 -7.83 6.67 -40.52
C CYS A 134 -8.08 6.14 -39.11
N LEU A 135 -9.26 5.56 -38.88
CA LEU A 135 -9.70 5.09 -37.55
C LEU A 135 -9.46 3.59 -37.44
N LEU A 136 -8.65 3.19 -36.46
CA LEU A 136 -8.57 1.80 -35.94
C LEU A 136 -9.44 1.69 -34.70
N ASN A 137 -10.46 0.84 -34.71
CA ASN A 137 -11.38 0.67 -33.54
C ASN A 137 -10.76 -0.36 -32.59
N ASN A 138 -11.56 -1.26 -32.03
CA ASN A 138 -11.17 -2.09 -30.87
C ASN A 138 -10.10 -3.11 -31.29
N PHE A 139 -8.89 -3.05 -30.68
CA PHE A 139 -7.74 -3.97 -30.95
C PHE A 139 -6.95 -4.21 -29.65
N TYR A 140 -5.99 -5.15 -29.70
CA TYR A 140 -5.12 -5.54 -28.56
C TYR A 140 -3.91 -6.33 -29.06
N PRO A 141 -2.68 -5.99 -28.62
CA PRO A 141 -2.43 -4.87 -27.72
C PRO A 141 -2.15 -3.54 -28.45
N ARG A 142 -1.81 -2.48 -27.70
CA ARG A 142 -1.78 -1.07 -28.19
C ARG A 142 -0.99 -1.01 -29.51
N GLU A 143 0.11 -1.77 -29.62
CA GLU A 143 1.08 -1.68 -30.74
C GLU A 143 0.37 -2.03 -32.06
N ALA A 144 -0.20 -1.02 -32.72
CA ALA A 144 -0.52 -1.01 -34.18
C ALA A 144 0.47 -0.09 -34.89
N LYS A 145 0.37 0.01 -36.23
CA LYS A 145 1.23 0.88 -37.07
C LYS A 145 0.45 1.35 -38.31
N VAL A 146 -0.16 2.53 -38.24
CA VAL A 146 -0.74 3.24 -39.41
C VAL A 146 0.40 3.75 -40.28
N GLN A 147 0.24 3.70 -41.62
CA GLN A 147 1.26 4.14 -42.60
C GLN A 147 0.58 4.62 -43.88
N TRP A 148 0.61 5.93 -44.13
CA TRP A 148 -0.15 6.63 -45.20
C TRP A 148 0.62 6.57 -46.52
N LYS A 149 0.04 5.93 -47.53
CA LYS A 149 0.50 6.01 -48.93
C LYS A 149 -0.48 6.85 -49.74
N VAL A 150 0.01 7.82 -50.50
CA VAL A 150 -0.76 8.67 -51.45
C VAL A 150 -0.14 8.52 -52.84
N ASP A 151 -0.87 7.92 -53.78
CA ASP A 151 -0.34 7.52 -55.12
C ASP A 151 0.94 6.71 -54.91
N ASN A 152 0.90 5.74 -54.00
CA ASN A 152 2.03 4.84 -53.62
C ASN A 152 3.29 5.68 -53.39
N ALA A 153 3.17 6.71 -52.55
CA ALA A 153 4.30 7.52 -52.03
C ALA A 153 4.15 7.64 -50.51
N LEU A 154 4.87 6.79 -49.77
CA LEU A 154 4.86 6.78 -48.29
C LEU A 154 4.99 8.24 -47.81
N GLN A 155 3.99 8.70 -47.05
CA GLN A 155 4.00 10.02 -46.38
C GLN A 155 4.59 9.86 -44.98
N SER A 156 5.67 10.57 -44.70
CA SER A 156 6.42 10.49 -43.42
C SER A 156 6.37 11.86 -42.71
N GLY A 157 5.91 11.86 -41.45
CA GLY A 157 6.01 13.01 -40.52
C GLY A 157 4.98 14.08 -40.83
N ASN A 158 3.82 13.69 -41.38
CA ASN A 158 2.71 14.61 -41.76
C ASN A 158 1.39 13.99 -41.32
N SER A 159 1.42 13.25 -40.22
CA SER A 159 0.28 12.51 -39.64
C SER A 159 0.53 12.34 -38.15
N GLN A 160 -0.41 12.78 -37.32
CA GLN A 160 -0.34 12.65 -35.85
C GLN A 160 -1.30 11.57 -35.40
N GLU A 161 -0.81 10.60 -34.66
CA GLU A 161 -1.59 9.45 -34.13
C GLU A 161 -2.05 9.78 -32.71
N SER A 162 -2.95 8.98 -32.17
CA SER A 162 -3.62 9.21 -30.87
C SER A 162 -4.45 7.98 -30.51
N VAL A 163 -4.41 7.57 -29.24
CA VAL A 163 -4.91 6.24 -28.77
C VAL A 163 -5.69 6.45 -27.47
N THR A 164 -6.83 5.78 -27.34
CA THR A 164 -7.68 5.79 -26.13
C THR A 164 -6.96 5.04 -25.00
N GLU A 165 -7.23 5.41 -23.75
CA GLU A 165 -7.04 4.55 -22.57
C GLU A 165 -7.86 3.26 -22.80
N GLN A 166 -7.33 2.11 -22.36
CA GLN A 166 -8.01 0.79 -22.45
C GLN A 166 -9.47 0.96 -22.06
N ASP A 167 -10.40 0.33 -22.81
CA ASP A 167 -11.86 0.46 -22.59
C ASP A 167 -12.23 -0.17 -21.24
N SER A 168 -13.39 0.18 -20.70
CA SER A 168 -13.95 -0.39 -19.44
C SER A 168 -14.68 -1.70 -19.77
N LYS A 169 -15.54 -1.69 -20.79
CA LYS A 169 -16.40 -2.82 -21.22
C LYS A 169 -15.53 -3.88 -21.91
N ASP A 170 -14.89 -3.52 -23.03
CA ASP A 170 -14.22 -4.46 -23.97
C ASP A 170 -12.73 -4.60 -23.60
N SER A 171 -12.26 -3.82 -22.62
CA SER A 171 -10.84 -3.71 -22.22
C SER A 171 -9.93 -3.76 -23.46
N THR A 172 -10.08 -2.78 -24.36
CA THR A 172 -9.45 -2.75 -25.70
C THR A 172 -9.21 -1.30 -26.13
N TYR A 173 -8.19 -1.07 -26.97
CA TYR A 173 -7.73 0.26 -27.41
C TYR A 173 -8.35 0.60 -28.76
N SER A 174 -8.36 1.89 -29.10
CA SER A 174 -8.69 2.45 -30.44
C SER A 174 -7.64 3.52 -30.82
N LEU A 175 -7.53 3.84 -32.10
CA LEU A 175 -6.45 4.70 -32.65
C LEU A 175 -7.03 5.63 -33.73
N SER A 176 -6.48 6.84 -33.85
CA SER A 176 -6.82 7.82 -34.90
C SER A 176 -5.53 8.40 -35.50
N SER A 177 -5.30 8.17 -36.80
CA SER A 177 -4.29 8.89 -37.62
C SER A 177 -4.95 10.06 -38.34
N THR A 178 -4.20 11.09 -38.66
CA THR A 178 -4.71 12.40 -39.15
C THR A 178 -3.73 12.98 -40.17
N LEU A 179 -3.80 12.50 -41.40
CA LEU A 179 -2.94 12.92 -42.53
C LEU A 179 -3.41 14.29 -43.04
N THR A 180 -2.69 15.34 -42.69
CA THR A 180 -2.99 16.75 -43.05
C THR A 180 -2.22 17.10 -44.32
N LEU A 181 -2.91 17.63 -45.34
CA LEU A 181 -2.34 18.09 -46.62
C LEU A 181 -2.69 19.56 -46.84
N SER A 182 -2.39 20.10 -48.00
CA SER A 182 -2.97 21.35 -48.52
C SER A 182 -4.16 21.03 -49.45
N LYS A 183 -5.09 21.97 -49.62
CA LYS A 183 -6.13 21.93 -50.67
C LYS A 183 -5.49 21.43 -51.96
N ALA A 184 -4.53 22.21 -52.48
CA ALA A 184 -3.81 21.95 -53.75
C ALA A 184 -3.31 20.50 -53.80
N ASP A 185 -2.60 20.06 -52.76
CA ASP A 185 -1.94 18.75 -52.70
C ASP A 185 -3.01 17.65 -52.74
N TYR A 186 -4.11 17.83 -52.03
CA TYR A 186 -5.26 16.91 -52.06
C TYR A 186 -5.81 16.82 -53.50
N GLU A 187 -6.00 17.97 -54.16
CA GLU A 187 -6.52 18.07 -55.56
C GLU A 187 -5.61 17.26 -56.49
N LYS A 188 -4.29 17.33 -56.26
CA LYS A 188 -3.23 16.93 -57.24
C LYS A 188 -3.22 15.40 -57.42
N HIS A 189 -3.68 14.64 -56.42
CA HIS A 189 -3.47 13.17 -56.32
C HIS A 189 -4.81 12.43 -56.28
N LYS A 190 -4.78 11.10 -56.47
CA LYS A 190 -5.97 10.24 -56.66
C LYS A 190 -6.13 9.32 -55.45
N VAL A 191 -5.35 8.23 -55.39
CA VAL A 191 -5.50 7.17 -54.36
C VAL A 191 -4.87 7.66 -53.05
N TYR A 192 -5.64 7.62 -51.97
CA TYR A 192 -5.19 7.70 -50.55
C TYR A 192 -5.45 6.35 -49.90
N ALA A 193 -4.70 6.01 -48.85
CA ALA A 193 -4.71 4.66 -48.24
C ALA A 193 -3.79 4.63 -47.03
N CYS A 194 -4.32 4.29 -45.85
CA CYS A 194 -3.54 3.90 -44.66
C CYS A 194 -3.36 2.38 -44.64
N GLU A 195 -2.10 1.92 -44.73
CA GLU A 195 -1.67 0.52 -44.53
C GLU A 195 -1.36 0.30 -43.05
N VAL A 196 -1.89 -0.78 -42.46
CA VAL A 196 -2.08 -0.93 -41.00
C VAL A 196 -1.59 -2.31 -40.58
N THR A 197 -0.32 -2.42 -40.27
CA THR A 197 0.26 -3.59 -39.58
C THR A 197 -0.24 -3.61 -38.13
N HIS A 198 -0.79 -4.73 -37.70
CA HIS A 198 -1.04 -5.09 -36.28
C HIS A 198 -0.84 -6.59 -36.10
N GLN A 199 -0.53 -7.03 -34.88
CA GLN A 199 -0.32 -8.47 -34.53
C GLN A 199 -1.59 -9.28 -34.89
N GLY A 200 -2.76 -8.79 -34.47
CA GLY A 200 -4.08 -9.45 -34.64
C GLY A 200 -4.37 -9.81 -36.10
N LEU A 201 -4.21 -8.84 -37.02
CA LEU A 201 -4.33 -9.06 -38.49
C LEU A 201 -3.14 -9.90 -38.97
N SER A 202 -3.38 -10.83 -39.91
CA SER A 202 -2.37 -11.75 -40.48
C SER A 202 -1.43 -10.98 -41.41
N SER A 203 -1.99 -10.29 -42.40
CA SER A 203 -1.26 -9.44 -43.38
C SER A 203 -1.65 -7.97 -43.17
N PRO A 204 -0.70 -7.01 -43.36
CA PRO A 204 -1.03 -5.59 -43.31
C PRO A 204 -2.26 -5.27 -44.17
N VAL A 205 -3.41 -5.06 -43.52
CA VAL A 205 -4.65 -4.50 -44.13
C VAL A 205 -4.35 -3.08 -44.61
N THR A 206 -4.92 -2.69 -45.76
CA THR A 206 -4.80 -1.32 -46.35
C THR A 206 -6.13 -0.91 -46.97
N LYS A 207 -7.03 -0.30 -46.17
CA LYS A 207 -8.23 0.42 -46.67
C LYS A 207 -7.77 1.65 -47.48
N SER A 208 -8.45 1.94 -48.59
CA SER A 208 -8.07 2.97 -49.59
C SER A 208 -9.30 3.72 -50.09
N PHE A 209 -9.10 4.92 -50.66
CA PHE A 209 -10.15 5.76 -51.30
C PHE A 209 -9.50 6.61 -52.40
N ASN A 210 -10.27 6.95 -53.44
CA ASN A 210 -9.81 7.82 -54.57
C ASN A 210 -10.57 9.14 -54.52
N ARG A 211 -9.91 10.27 -54.79
CA ARG A 211 -10.54 11.62 -54.82
C ARG A 211 -11.72 11.58 -55.79
N GLY A 212 -12.96 11.68 -55.27
CA GLY A 212 -14.21 11.70 -56.07
C GLY A 212 -14.52 10.34 -56.67
N GLU B 2 -17.78 16.24 3.16
CA GLU B 2 -17.92 17.61 2.57
C GLU B 2 -16.54 18.12 2.12
N VAL B 3 -15.46 17.42 2.48
CA VAL B 3 -14.05 17.83 2.21
C VAL B 3 -13.92 18.18 0.73
N GLN B 4 -13.57 19.43 0.42
CA GLN B 4 -13.42 19.97 -0.97
C GLN B 4 -12.23 20.93 -0.99
N LEU B 5 -11.25 20.66 -1.84
CA LEU B 5 -10.17 21.62 -2.23
C LEU B 5 -10.41 22.08 -3.67
N LEU B 6 -10.85 23.31 -3.86
CA LEU B 6 -11.21 23.89 -5.19
C LEU B 6 -10.11 24.87 -5.64
N GLU B 7 -9.11 24.37 -6.40
CA GLU B 7 -8.06 25.20 -7.05
C GLU B 7 -8.68 26.03 -8.17
N SER B 8 -8.15 27.23 -8.42
CA SER B 8 -8.63 28.16 -9.46
C SER B 8 -7.55 29.19 -9.81
N GLY B 9 -7.81 30.04 -10.79
CA GLY B 9 -6.88 31.07 -11.29
C GLY B 9 -6.11 30.56 -12.50
N GLY B 10 -6.15 29.25 -12.74
CA GLY B 10 -5.44 28.59 -13.86
C GLY B 10 -6.03 28.99 -15.19
N GLY B 11 -5.18 29.50 -16.10
CA GLY B 11 -5.57 29.92 -17.45
C GLY B 11 -4.40 29.86 -18.41
N LEU B 12 -4.48 30.61 -19.51
CA LEU B 12 -3.39 30.80 -20.48
C LEU B 12 -2.54 32.00 -20.07
N VAL B 13 -1.22 31.93 -20.25
CA VAL B 13 -0.27 33.04 -19.95
C VAL B 13 0.85 33.06 -20.99
N GLN B 14 1.22 34.25 -21.47
CA GLN B 14 2.41 34.49 -22.33
C GLN B 14 3.68 34.18 -21.52
N PRO B 15 4.68 33.48 -22.12
CA PRO B 15 5.92 33.18 -21.43
C PRO B 15 6.49 34.41 -20.70
N GLY B 16 7.17 34.18 -19.57
CA GLY B 16 7.70 35.24 -18.70
C GLY B 16 6.59 35.99 -17.99
N GLY B 17 5.33 35.56 -18.19
CA GLY B 17 4.14 36.17 -17.61
C GLY B 17 4.00 35.85 -16.13
N SER B 18 2.99 36.42 -15.48
CA SER B 18 2.63 36.18 -14.06
C SER B 18 1.29 35.44 -13.97
N LEU B 19 1.01 34.83 -12.82
CA LEU B 19 -0.29 34.17 -12.51
C LEU B 19 -0.31 33.74 -11.04
N ARG B 20 -1.44 33.92 -10.36
CA ARG B 20 -1.63 33.49 -8.95
C ARG B 20 -2.78 32.48 -8.89
N LEU B 21 -2.51 31.30 -8.32
CA LEU B 21 -3.49 30.21 -8.12
C LEU B 21 -4.08 30.31 -6.72
N SER B 22 -5.17 29.59 -6.47
CA SER B 22 -5.99 29.72 -5.26
C SER B 22 -6.73 28.40 -4.99
N CYS B 23 -6.36 27.68 -3.92
CA CYS B 23 -7.04 26.46 -3.42
C CYS B 23 -7.99 26.83 -2.28
N ALA B 24 -9.30 26.73 -2.52
CA ALA B 24 -10.37 27.02 -1.53
C ALA B 24 -10.70 25.75 -0.75
N ALA B 25 -10.35 25.72 0.54
CA ALA B 25 -10.62 24.59 1.48
C ALA B 25 -12.02 24.74 2.07
N SER B 26 -12.66 23.61 2.41
CA SER B 26 -14.05 23.53 2.91
C SER B 26 -14.32 22.11 3.44
N GLY B 27 -14.70 22.02 4.72
CA GLY B 27 -15.00 20.74 5.42
C GLY B 27 -13.80 20.23 6.19
N LEU B 28 -12.90 21.15 6.63
CA LEU B 28 -11.73 20.84 7.49
C LEU B 28 -11.26 22.12 8.20
N THR B 29 -10.38 21.98 9.20
CA THR B 29 -9.77 23.09 9.99
C THR B 29 -8.46 23.53 9.31
N PHE B 30 -8.57 24.31 8.23
CA PHE B 30 -7.44 24.76 7.38
C PHE B 30 -6.30 25.27 8.28
N ARG B 31 -6.65 25.91 9.40
CA ARG B 31 -5.69 26.48 10.39
C ARG B 31 -4.58 25.47 10.69
N SER B 32 -4.93 24.18 10.82
CA SER B 32 -4.17 23.17 11.61
C SER B 32 -3.58 22.10 10.67
N TYR B 33 -3.31 22.43 9.40
CA TYR B 33 -2.78 21.49 8.36
C TYR B 33 -1.73 22.20 7.49
N ALA B 34 -0.64 21.50 7.17
CA ALA B 34 0.34 21.89 6.13
C ALA B 34 -0.18 21.46 4.75
N MET B 35 -0.19 22.38 3.79
CA MET B 35 -0.55 22.11 2.37
C MET B 35 0.71 22.19 1.51
N THR B 36 0.67 21.63 0.29
CA THR B 36 1.70 21.82 -0.80
C THR B 36 1.02 22.03 -2.15
N TRP B 37 1.80 22.45 -3.14
CA TRP B 37 1.45 22.40 -4.58
C TRP B 37 2.22 21.27 -5.27
N VAL B 38 1.53 20.49 -6.09
CA VAL B 38 2.08 19.37 -6.89
C VAL B 38 1.54 19.50 -8.30
N ARG B 39 2.41 19.46 -9.30
CA ARG B 39 2.03 19.71 -10.70
C ARG B 39 2.33 18.47 -11.54
N GLN B 40 1.66 18.36 -12.68
CA GLN B 40 1.73 17.19 -13.59
C GLN B 40 1.66 17.69 -15.03
N ALA B 41 2.79 17.62 -15.74
CA ALA B 41 2.90 17.87 -17.20
C ALA B 41 1.87 17.03 -17.93
N PRO B 42 1.18 17.58 -18.96
CA PRO B 42 0.20 16.82 -19.71
C PRO B 42 0.82 15.54 -20.29
N GLY B 43 0.50 14.39 -19.70
CA GLY B 43 0.88 13.05 -20.19
C GLY B 43 2.27 12.63 -19.70
N LYS B 44 2.78 13.30 -18.68
CA LYS B 44 3.99 12.88 -17.91
C LYS B 44 3.57 12.62 -16.45
N GLY B 45 4.55 12.52 -15.54
CA GLY B 45 4.36 12.05 -14.15
C GLY B 45 4.13 13.19 -13.18
N LEU B 46 4.26 12.93 -11.88
CA LEU B 46 3.95 13.88 -10.77
C LEU B 46 5.24 14.56 -10.30
N GLU B 47 5.15 15.83 -9.88
CA GLU B 47 6.29 16.66 -9.42
C GLU B 47 5.82 17.62 -8.31
N TRP B 48 6.49 17.58 -7.16
CA TRP B 48 6.29 18.52 -6.03
C TRP B 48 6.92 19.87 -6.38
N VAL B 49 6.28 20.97 -5.99
CA VAL B 49 6.59 22.35 -6.49
C VAL B 49 6.96 23.25 -5.30
N SER B 50 6.16 23.22 -4.23
CA SER B 50 6.40 24.00 -2.99
C SER B 50 5.58 23.41 -1.85
N GLY B 51 5.68 24.01 -0.66
CA GLY B 51 5.03 23.54 0.58
C GLY B 51 5.15 24.55 1.71
N ILE B 52 4.03 24.88 2.37
CA ILE B 52 3.97 25.83 3.51
C ILE B 52 3.65 25.05 4.79
N SER B 53 4.27 25.44 5.91
CA SER B 53 4.06 24.86 7.25
C SER B 53 2.65 25.17 7.75
N VAL B 54 2.37 24.85 9.01
CA VAL B 54 1.08 25.15 9.70
C VAL B 54 1.10 26.60 10.19
N SER B 55 2.29 27.20 10.28
CA SER B 55 2.51 28.59 10.77
C SER B 55 2.23 29.59 9.64
N GLY B 56 2.61 29.23 8.41
CA GLY B 56 2.89 30.17 7.31
C GLY B 56 4.35 30.56 7.27
N GLY B 57 5.08 30.28 8.36
CA GLY B 57 6.46 30.75 8.59
C GLY B 57 7.43 30.20 7.57
N ILE B 58 7.70 28.90 7.64
CA ILE B 58 8.73 28.23 6.79
C ILE B 58 8.06 27.75 5.49
N THR B 59 8.73 27.99 4.36
CA THR B 59 8.27 27.69 2.99
C THR B 59 9.39 26.96 2.25
N TYR B 60 9.09 25.82 1.63
CA TYR B 60 10.02 25.03 0.78
C TYR B 60 9.56 25.10 -0.68
N TYR B 61 10.51 24.97 -1.61
CA TYR B 61 10.31 25.04 -3.08
C TYR B 61 11.23 24.02 -3.76
N ALA B 62 10.88 23.59 -4.97
CA ALA B 62 11.77 22.87 -5.90
C ALA B 62 12.82 23.84 -6.45
N ASP B 63 14.04 23.35 -6.70
CA ASP B 63 15.13 24.12 -7.38
C ASP B 63 14.63 24.55 -8.77
N SER B 64 13.70 23.79 -9.36
CA SER B 64 13.06 24.06 -10.67
C SER B 64 12.39 25.45 -10.66
N VAL B 65 11.83 25.87 -9.53
CA VAL B 65 10.95 27.06 -9.41
C VAL B 65 11.54 28.04 -8.40
N LYS B 66 12.84 27.89 -8.08
CA LYS B 66 13.54 28.66 -7.02
C LYS B 66 13.35 30.17 -7.27
N GLY B 67 12.65 30.86 -6.35
CA GLY B 67 12.54 32.33 -6.32
C GLY B 67 11.81 32.90 -7.54
N ARG B 68 11.09 32.05 -8.29
CA ARG B 68 10.11 32.47 -9.34
C ARG B 68 8.70 32.29 -8.80
N PHE B 69 8.47 31.23 -8.02
CA PHE B 69 7.19 30.94 -7.34
C PHE B 69 7.29 31.42 -5.88
N THR B 70 6.13 31.64 -5.25
CA THR B 70 5.97 32.03 -3.82
C THR B 70 4.70 31.40 -3.26
N ILE B 71 4.81 30.43 -2.38
CA ILE B 71 3.64 29.85 -1.66
C ILE B 71 3.28 30.78 -0.51
N SER B 72 1.99 31.11 -0.40
CA SER B 72 1.37 31.91 0.69
C SER B 72 0.14 31.16 1.21
N ARG B 73 -0.38 31.56 2.36
CA ARG B 73 -1.63 30.97 2.94
C ARG B 73 -2.40 32.06 3.71
N ASP B 74 -3.69 31.82 3.93
CA ASP B 74 -4.62 32.77 4.59
C ASP B 74 -5.71 31.97 5.30
N ASN B 75 -5.51 31.69 6.59
CA ASN B 75 -6.36 30.78 7.39
C ASN B 75 -7.72 31.43 7.60
N SER B 76 -7.76 32.76 7.65
CA SER B 76 -9.00 33.58 7.72
C SER B 76 -9.91 33.25 6.53
N LYS B 77 -9.38 33.34 5.31
CA LYS B 77 -10.16 33.24 4.03
C LYS B 77 -10.19 31.79 3.55
N ASN B 78 -9.61 30.86 4.32
CA ASN B 78 -9.61 29.39 4.02
C ASN B 78 -8.95 29.15 2.66
N THR B 79 -7.86 29.84 2.36
CA THR B 79 -7.24 29.89 1.00
C THR B 79 -5.74 29.56 1.09
N LEU B 80 -5.23 28.92 0.03
CA LEU B 80 -3.78 28.70 -0.21
C LEU B 80 -3.43 29.27 -1.60
N TYR B 81 -2.35 30.05 -1.71
CA TYR B 81 -1.95 30.83 -2.93
C TYR B 81 -0.61 30.31 -3.47
N LEU B 82 -0.44 30.32 -4.80
CA LEU B 82 0.87 30.17 -5.48
C LEU B 82 1.04 31.28 -6.52
N GLN B 83 1.78 32.34 -6.17
CA GLN B 83 2.32 33.34 -7.13
C GLN B 83 3.31 32.63 -8.07
N MET B 84 3.26 32.95 -9.36
CA MET B 84 4.12 32.32 -10.40
C MET B 84 4.54 33.39 -11.42
N ASN B 85 5.80 33.84 -11.35
CA ASN B 85 6.38 34.84 -12.28
C ASN B 85 7.45 34.15 -13.13
N SER B 86 7.80 34.76 -14.25
CA SER B 86 8.86 34.27 -15.19
C SER B 86 8.48 32.86 -15.68
N LEU B 87 7.18 32.56 -15.75
CA LEU B 87 6.65 31.26 -16.25
C LEU B 87 7.30 30.95 -17.61
N ARG B 88 7.76 29.71 -17.79
CA ARG B 88 8.27 29.20 -19.09
C ARG B 88 7.32 28.13 -19.63
N ALA B 89 7.53 27.70 -20.88
CA ALA B 89 6.84 26.58 -21.54
C ALA B 89 6.79 25.35 -20.59
N GLU B 90 7.88 25.13 -19.84
CA GLU B 90 8.13 23.89 -19.06
C GLU B 90 7.17 23.81 -17.86
N ASP B 91 6.53 24.93 -17.49
CA ASP B 91 5.69 25.07 -16.27
C ASP B 91 4.22 24.80 -16.61
N THR B 92 3.91 24.54 -17.88
CA THR B 92 2.58 24.07 -18.35
C THR B 92 2.29 22.71 -17.72
N ALA B 93 1.15 22.58 -17.04
CA ALA B 93 0.78 21.39 -16.24
C ALA B 93 -0.58 21.62 -15.58
N VAL B 94 -1.17 20.57 -15.03
CA VAL B 94 -2.23 20.64 -14.01
C VAL B 94 -1.56 20.74 -12.65
N TYR B 95 -1.89 21.78 -11.89
CA TYR B 95 -1.39 22.03 -10.51
C TYR B 95 -2.41 21.55 -9.49
N TYR B 96 -2.08 20.49 -8.75
CA TYR B 96 -2.88 19.95 -7.63
C TYR B 96 -2.45 20.63 -6.33
N CYS B 97 -3.41 21.15 -5.58
CA CYS B 97 -3.24 21.57 -4.18
C CYS B 97 -3.54 20.38 -3.27
N ALA B 98 -2.57 19.99 -2.46
CA ALA B 98 -2.59 18.75 -1.66
C ALA B 98 -2.54 19.10 -0.18
N LYS B 99 -3.28 18.37 0.64
CA LYS B 99 -3.31 18.51 2.11
C LYS B 99 -2.57 17.32 2.73
N ARG B 100 -1.45 17.59 3.39
CA ARG B 100 -0.69 16.60 4.20
C ARG B 100 -1.53 16.23 5.41
N GLY B 101 -1.49 14.96 5.81
CA GLY B 101 -2.12 14.43 7.04
C GLY B 101 -1.27 14.75 8.26
N ALA B 102 -0.09 15.31 8.03
CA ALA B 102 0.85 15.81 9.05
C ALA B 102 1.94 16.62 8.35
N ALA B 103 2.42 17.69 8.97
CA ALA B 103 3.76 18.28 8.72
C ALA B 103 4.78 17.15 8.75
N VAL B 104 5.65 17.07 7.74
CA VAL B 104 6.49 15.87 7.44
C VAL B 104 5.58 14.63 7.44
N GLY B 105 4.58 14.61 6.56
CA GLY B 105 3.70 13.45 6.31
C GLY B 105 3.36 13.33 4.82
N SER B 106 2.44 12.42 4.48
CA SER B 106 1.94 12.19 3.11
C SER B 106 0.74 13.11 2.83
N PHE B 107 0.54 13.48 1.57
CA PHE B 107 -0.67 14.19 1.07
C PHE B 107 -1.85 13.22 1.04
N ASP B 108 -2.83 13.39 1.91
CA ASP B 108 -3.93 12.41 2.06
C ASP B 108 -5.17 12.87 1.25
N TYR B 109 -5.31 14.17 0.97
CA TYR B 109 -6.39 14.73 0.09
C TYR B 109 -5.77 15.62 -1.00
N TRP B 110 -6.26 15.45 -2.24
CA TRP B 110 -5.83 16.21 -3.44
C TRP B 110 -7.05 16.93 -4.03
N GLY B 111 -6.83 18.06 -4.70
CA GLY B 111 -7.88 18.77 -5.47
C GLY B 111 -8.05 18.19 -6.85
N GLN B 112 -9.19 18.44 -7.48
CA GLN B 112 -9.51 18.04 -8.89
C GLN B 112 -8.43 18.58 -9.83
N GLY B 113 -7.88 19.77 -9.49
CA GLY B 113 -6.64 20.32 -10.06
C GLY B 113 -6.92 21.26 -11.23
N THR B 114 -6.26 22.43 -11.24
CA THR B 114 -6.46 23.51 -12.23
C THR B 114 -5.30 23.53 -13.24
N LEU B 115 -5.60 23.71 -14.54
CA LEU B 115 -4.62 23.62 -15.65
C LEU B 115 -4.06 25.02 -15.95
N VAL B 116 -2.73 25.11 -16.07
CA VAL B 116 -1.96 26.30 -16.52
C VAL B 116 -1.30 25.97 -17.84
N THR B 117 -1.69 26.65 -18.93
CA THR B 117 -0.98 26.63 -20.24
C THR B 117 -0.13 27.89 -20.36
N VAL B 118 1.10 27.76 -20.87
CA VAL B 118 2.09 28.87 -21.01
C VAL B 118 2.58 28.90 -22.45
N SER B 119 1.92 29.70 -23.31
CA SER B 119 2.22 29.81 -24.76
C SER B 119 1.90 31.21 -25.26
N SER B 120 2.49 31.60 -26.39
CA SER B 120 2.28 32.91 -27.05
C SER B 120 1.04 32.85 -27.95
N ALA B 121 0.69 31.65 -28.42
CA ALA B 121 -0.51 31.38 -29.23
C ALA B 121 -1.74 32.02 -28.56
N SER B 122 -2.59 32.66 -29.35
CA SER B 122 -3.84 33.33 -28.89
C SER B 122 -4.95 32.28 -28.72
N THR B 123 -5.90 32.55 -27.83
CA THR B 123 -7.13 31.75 -27.62
C THR B 123 -7.92 31.67 -28.93
N LYS B 124 -7.82 30.53 -29.63
CA LYS B 124 -8.58 30.22 -30.86
C LYS B 124 -9.69 29.22 -30.52
N GLY B 125 -10.95 29.57 -30.81
CA GLY B 125 -12.09 28.63 -30.82
C GLY B 125 -12.04 27.69 -32.02
N PRO B 126 -12.60 26.47 -31.91
CA PRO B 126 -12.35 25.41 -32.88
C PRO B 126 -13.20 25.52 -34.16
N SER B 127 -12.60 25.23 -35.31
CA SER B 127 -13.28 24.74 -36.53
C SER B 127 -13.72 23.28 -36.32
N VAL B 128 -14.99 22.96 -36.60
CA VAL B 128 -15.58 21.59 -36.51
C VAL B 128 -15.94 21.10 -37.92
N PHE B 129 -15.76 19.81 -38.17
CA PHE B 129 -15.88 19.18 -39.50
C PHE B 129 -16.41 17.75 -39.36
N PRO B 130 -17.36 17.32 -40.22
CA PRO B 130 -17.96 16.01 -40.11
C PRO B 130 -17.10 14.94 -40.77
N LEU B 131 -17.13 13.72 -40.25
CA LEU B 131 -16.63 12.50 -40.92
C LEU B 131 -17.82 11.64 -41.35
N ALA B 132 -18.34 11.90 -42.55
CA ALA B 132 -19.50 11.19 -43.14
C ALA B 132 -19.18 9.70 -43.29
N PRO B 133 -20.12 8.81 -42.93
CA PRO B 133 -19.89 7.37 -43.03
C PRO B 133 -20.40 6.72 -44.34
N SER B 134 -20.22 7.41 -45.48
CA SER B 134 -20.77 7.02 -46.81
C SER B 134 -20.08 5.73 -47.30
N SER B 135 -18.87 5.46 -46.84
CA SER B 135 -18.04 4.28 -47.23
C SER B 135 -17.39 3.63 -46.00
N LYS B 136 -17.96 3.90 -44.81
CA LYS B 136 -17.66 3.16 -43.55
C LYS B 136 -18.80 2.17 -43.28
N SER B 137 -19.97 2.37 -43.92
CA SER B 137 -21.13 1.44 -43.93
C SER B 137 -20.75 0.14 -44.65
N THR B 138 -19.77 0.21 -45.57
CA THR B 138 -19.24 -0.96 -46.34
C THR B 138 -18.59 -1.97 -45.39
N SER B 139 -18.43 -1.60 -44.11
CA SER B 139 -17.88 -2.47 -43.02
C SER B 139 -18.84 -3.66 -42.77
N GLY B 140 -20.15 -3.45 -42.98
CA GLY B 140 -21.17 -4.51 -42.91
C GLY B 140 -21.67 -4.74 -41.48
N GLY B 141 -22.91 -4.33 -41.20
CA GLY B 141 -23.52 -4.40 -39.85
C GLY B 141 -23.10 -3.24 -38.97
N THR B 142 -21.86 -2.76 -39.14
CA THR B 142 -21.25 -1.61 -38.41
C THR B 142 -20.92 -0.49 -39.40
N ALA B 143 -21.05 0.76 -38.98
CA ALA B 143 -20.74 1.97 -39.76
C ALA B 143 -20.20 3.05 -38.81
N ALA B 144 -18.94 3.44 -39.01
CA ALA B 144 -18.25 4.46 -38.19
C ALA B 144 -18.48 5.84 -38.80
N LEU B 145 -18.94 6.78 -37.98
CA LEU B 145 -19.05 8.21 -38.32
C LEU B 145 -18.52 9.02 -37.14
N GLY B 146 -18.03 10.22 -37.41
CA GLY B 146 -17.44 11.10 -36.40
C GLY B 146 -17.45 12.54 -36.85
N CYS B 147 -17.05 13.45 -35.96
CA CYS B 147 -16.68 14.84 -36.29
C CYS B 147 -15.29 15.15 -35.71
N LEU B 148 -14.69 16.24 -36.17
CA LEU B 148 -13.24 16.51 -36.08
C LEU B 148 -13.03 17.99 -35.74
N VAL B 149 -12.19 18.27 -34.75
CA VAL B 149 -12.07 19.59 -34.06
C VAL B 149 -10.66 20.16 -34.32
N LYS B 150 -10.49 20.90 -35.41
CA LYS B 150 -9.17 21.44 -35.87
C LYS B 150 -8.97 22.84 -35.28
N ASP B 151 -7.71 23.30 -35.23
CA ASP B 151 -7.31 24.72 -34.96
C ASP B 151 -8.02 25.23 -33.71
N TYR B 152 -7.66 24.73 -32.53
CA TYR B 152 -8.23 25.21 -31.25
C TYR B 152 -7.12 25.32 -30.20
N PHE B 153 -7.34 26.19 -29.21
CA PHE B 153 -6.35 26.58 -28.16
C PHE B 153 -7.04 27.53 -27.18
N PRO B 154 -6.74 27.44 -25.88
CA PRO B 154 -6.01 26.30 -25.31
C PRO B 154 -6.90 25.09 -25.05
N GLU B 155 -6.28 23.99 -24.61
CA GLU B 155 -6.96 22.84 -23.94
C GLU B 155 -7.83 23.39 -22.80
N PRO B 156 -9.01 22.75 -22.49
CA PRO B 156 -9.54 21.60 -23.22
C PRO B 156 -10.77 21.89 -24.10
N VAL B 157 -11.31 20.84 -24.77
CA VAL B 157 -12.68 20.82 -25.37
C VAL B 157 -13.44 19.59 -24.86
N THR B 158 -14.75 19.73 -24.62
CA THR B 158 -15.69 18.60 -24.32
C THR B 158 -16.53 18.32 -25.56
N VAL B 159 -16.50 17.08 -26.04
CA VAL B 159 -17.35 16.58 -27.16
C VAL B 159 -18.23 15.45 -26.63
N SER B 160 -19.55 15.69 -26.59
CA SER B 160 -20.62 14.66 -26.44
C SER B 160 -21.42 14.55 -27.74
N TRP B 161 -22.17 13.46 -27.90
CA TRP B 161 -22.92 13.11 -29.14
C TRP B 161 -24.42 13.08 -28.85
N ASN B 162 -25.24 13.47 -29.84
CA ASN B 162 -26.70 13.70 -29.68
C ASN B 162 -26.96 14.07 -28.23
N SER B 163 -26.42 15.22 -27.80
CA SER B 163 -26.74 15.91 -26.52
C SER B 163 -26.63 14.94 -25.35
N GLY B 164 -25.48 14.24 -25.23
CA GLY B 164 -25.13 13.40 -24.08
C GLY B 164 -25.99 12.14 -24.00
N ALA B 165 -26.99 12.01 -24.87
CA ALA B 165 -27.98 10.92 -24.87
C ALA B 165 -27.34 9.64 -25.42
N LEU B 166 -26.80 9.71 -26.64
CA LEU B 166 -26.00 8.63 -27.28
C LEU B 166 -24.59 8.61 -26.64
N THR B 167 -24.19 7.46 -26.10
CA THR B 167 -23.00 7.33 -25.20
C THR B 167 -22.21 6.06 -25.55
N SER B 168 -22.88 4.98 -25.97
CA SER B 168 -22.28 3.63 -26.18
C SER B 168 -21.63 3.56 -27.57
N GLY B 169 -20.35 3.18 -27.61
CA GLY B 169 -19.55 3.03 -28.86
C GLY B 169 -18.98 4.37 -29.33
N VAL B 170 -18.80 5.31 -28.40
CA VAL B 170 -18.24 6.67 -28.67
C VAL B 170 -16.80 6.70 -28.18
N HIS B 171 -15.91 7.24 -29.00
CA HIS B 171 -14.47 7.43 -28.68
C HIS B 171 -14.06 8.86 -29.00
N THR B 172 -14.14 9.77 -28.02
CA THR B 172 -13.44 11.08 -28.00
C THR B 172 -11.94 10.83 -27.75
N PHE B 173 -11.10 10.91 -28.79
CA PHE B 173 -9.64 10.67 -28.75
C PHE B 173 -8.96 11.81 -28.03
N PRO B 174 -7.84 11.56 -27.32
CA PRO B 174 -7.09 12.62 -26.68
C PRO B 174 -6.40 13.52 -27.71
N ALA B 175 -6.37 14.83 -27.47
CA ALA B 175 -5.94 15.87 -28.43
C ALA B 175 -4.44 15.77 -28.67
N VAL B 176 -4.01 16.01 -29.92
CA VAL B 176 -2.60 16.30 -30.28
C VAL B 176 -2.46 17.82 -30.45
N LEU B 177 -1.49 18.27 -31.24
CA LEU B 177 -1.04 19.68 -31.27
C LEU B 177 -0.12 19.91 -32.48
N GLN B 178 -0.69 20.41 -33.59
CA GLN B 178 0.00 20.55 -34.92
C GLN B 178 1.16 21.54 -34.81
N SER B 179 2.07 21.53 -35.80
CA SER B 179 3.18 22.52 -35.97
C SER B 179 2.67 23.92 -35.62
N SER B 180 1.37 24.19 -35.88
CA SER B 180 0.67 25.47 -35.62
C SER B 180 0.78 25.89 -34.16
N GLY B 181 1.13 24.93 -33.28
CA GLY B 181 0.97 25.06 -31.83
C GLY B 181 -0.50 25.22 -31.45
N LEU B 182 -1.40 24.70 -32.31
CA LEU B 182 -2.84 24.59 -32.04
C LEU B 182 -3.21 23.11 -31.83
N TYR B 183 -3.69 22.76 -30.63
CA TYR B 183 -4.29 21.43 -30.30
C TYR B 183 -5.33 21.07 -31.37
N SER B 184 -5.47 19.77 -31.67
CA SER B 184 -6.41 19.21 -32.69
C SER B 184 -6.95 17.86 -32.23
N LEU B 185 -8.28 17.77 -32.07
CA LEU B 185 -9.00 16.61 -31.51
C LEU B 185 -9.83 15.95 -32.61
N SER B 186 -10.38 14.75 -32.36
CA SER B 186 -11.44 14.12 -33.19
C SER B 186 -12.19 13.09 -32.35
N SER B 187 -13.52 13.07 -32.47
CA SER B 187 -14.39 12.06 -31.83
C SER B 187 -15.21 11.32 -32.89
N VAL B 188 -15.32 10.01 -32.73
CA VAL B 188 -16.11 9.10 -33.59
C VAL B 188 -17.05 8.31 -32.71
N VAL B 189 -18.09 7.77 -33.31
CA VAL B 189 -19.02 6.81 -32.68
C VAL B 189 -19.45 5.80 -33.74
N THR B 190 -19.56 4.55 -33.35
CA THR B 190 -19.66 3.39 -34.26
C THR B 190 -21.04 2.74 -34.04
N VAL B 191 -21.90 2.78 -35.05
CA VAL B 191 -23.37 2.55 -34.93
C VAL B 191 -23.81 1.58 -36.03
N PRO B 192 -25.00 0.93 -35.90
CA PRO B 192 -25.56 0.11 -36.97
C PRO B 192 -25.79 0.92 -38.26
N SER B 193 -25.55 0.30 -39.41
CA SER B 193 -25.62 0.92 -40.76
C SER B 193 -27.09 1.31 -41.06
N SER B 194 -28.04 0.50 -40.57
CA SER B 194 -29.50 0.62 -40.86
C SER B 194 -30.01 2.00 -40.42
N SER B 195 -29.53 2.52 -39.30
CA SER B 195 -30.06 3.73 -38.61
C SER B 195 -29.77 4.98 -39.46
N LEU B 196 -28.66 4.98 -40.21
CA LEU B 196 -28.18 6.15 -41.01
C LEU B 196 -29.34 6.71 -41.83
N GLY B 197 -29.59 8.02 -41.72
CA GLY B 197 -30.71 8.72 -42.40
C GLY B 197 -31.96 8.74 -41.53
N THR B 198 -32.49 7.56 -41.16
CA THR B 198 -33.62 7.36 -40.21
C THR B 198 -33.31 8.12 -38.91
N GLN B 199 -32.19 7.78 -38.26
CA GLN B 199 -31.67 8.46 -37.03
C GLN B 199 -30.65 9.54 -37.43
N THR B 200 -30.89 10.79 -36.99
CA THR B 200 -29.97 11.94 -37.20
C THR B 200 -28.95 12.00 -36.06
N TYR B 201 -27.67 12.23 -36.40
CA TYR B 201 -26.52 12.28 -35.45
C TYR B 201 -25.90 13.67 -35.47
N ILE B 202 -25.90 14.35 -34.33
CA ILE B 202 -25.15 15.62 -34.09
C ILE B 202 -24.09 15.34 -33.03
N CYS B 203 -22.89 15.87 -33.24
CA CYS B 203 -21.87 16.01 -32.17
C CYS B 203 -21.90 17.44 -31.63
N ASN B 204 -21.74 17.58 -30.32
CA ASN B 204 -21.87 18.84 -29.57
C ASN B 204 -20.50 19.18 -28.98
N VAL B 205 -19.74 20.02 -29.67
CA VAL B 205 -18.42 20.56 -29.21
C VAL B 205 -18.69 21.68 -28.21
N ASN B 206 -17.88 21.76 -27.16
CA ASN B 206 -17.84 22.91 -26.22
C ASN B 206 -16.39 23.24 -25.88
N HIS B 207 -15.98 24.47 -26.19
CA HIS B 207 -14.62 25.02 -25.90
C HIS B 207 -14.77 26.22 -24.94
N LYS B 208 -14.75 25.95 -23.63
CA LYS B 208 -15.00 26.95 -22.57
C LYS B 208 -14.06 28.15 -22.74
N PRO B 209 -12.74 27.93 -22.99
CA PRO B 209 -11.78 29.03 -23.15
C PRO B 209 -12.27 30.18 -24.06
N SER B 210 -12.84 29.84 -25.22
CA SER B 210 -13.18 30.80 -26.32
C SER B 210 -14.67 31.15 -26.27
N ASN B 211 -15.42 30.52 -25.36
CA ASN B 211 -16.90 30.61 -25.26
C ASN B 211 -17.54 29.85 -26.41
N THR B 212 -16.78 29.55 -27.47
CA THR B 212 -17.25 28.79 -28.66
C THR B 212 -17.78 27.43 -28.20
N LYS B 213 -19.09 27.21 -28.35
CA LYS B 213 -19.70 25.86 -28.41
C LYS B 213 -20.47 25.72 -29.72
N VAL B 214 -20.62 24.49 -30.21
CA VAL B 214 -21.12 24.15 -31.57
C VAL B 214 -21.87 22.83 -31.50
N ASP B 215 -23.05 22.76 -32.14
CA ASP B 215 -23.77 21.51 -32.49
C ASP B 215 -23.65 21.28 -34.00
N LYS B 216 -23.07 20.17 -34.42
CA LYS B 216 -22.81 19.83 -35.85
C LYS B 216 -23.44 18.47 -36.16
N LYS B 217 -24.17 18.38 -37.27
CA LYS B 217 -24.87 17.15 -37.73
C LYS B 217 -24.02 16.43 -38.77
N VAL B 218 -24.05 15.10 -38.78
CA VAL B 218 -23.19 14.23 -39.62
C VAL B 218 -24.09 13.27 -40.42
N GLU B 219 -24.08 13.37 -41.76
CA GLU B 219 -25.02 12.64 -42.66
C GLU B 219 -24.30 12.28 -43.97
N PRO B 220 -24.46 11.03 -44.47
CA PRO B 220 -23.65 10.52 -45.59
C PRO B 220 -23.69 11.33 -46.92
N LYS B 221 -24.88 11.43 -47.54
CA LYS B 221 -25.03 11.79 -48.99
C LYS B 221 -25.54 13.22 -49.11
N LYS C 4 -0.63 -58.28 53.56
CA LYS C 4 -2.09 -58.23 53.23
C LYS C 4 -2.56 -59.64 52.85
N THR C 5 -2.39 -60.02 51.58
CA THR C 5 -2.67 -61.40 51.05
C THR C 5 -1.43 -61.89 50.29
N ALA C 6 -1.29 -63.20 50.14
CA ALA C 6 -0.24 -63.86 49.33
C ALA C 6 -0.74 -64.03 47.89
N CYS C 7 0.18 -64.01 46.92
CA CYS C 7 -0.10 -64.08 45.46
C CYS C 7 -0.44 -65.52 45.09
N PRO C 8 -1.57 -65.75 44.37
CA PRO C 8 -1.91 -67.09 43.89
C PRO C 8 -0.76 -67.77 43.13
N SER C 9 -0.71 -69.09 43.15
CA SER C 9 0.34 -69.94 42.53
C SER C 9 0.55 -69.52 41.07
N GLY C 10 1.81 -69.32 40.67
CA GLY C 10 2.20 -69.06 39.28
C GLY C 10 2.19 -67.59 38.94
N LYS C 11 1.18 -66.85 39.45
CA LYS C 11 0.93 -65.43 39.10
C LYS C 11 2.12 -64.56 39.56
N LYS C 12 3.03 -65.13 40.39
CA LYS C 12 4.27 -64.46 40.88
C LYS C 12 5.08 -63.97 39.67
N ALA C 13 5.02 -62.66 39.38
CA ALA C 13 5.63 -62.01 38.19
C ALA C 13 7.15 -62.00 38.33
N ARG C 14 7.85 -62.73 37.46
CA ARG C 14 9.34 -62.80 37.41
C ARG C 14 9.88 -61.74 36.44
N GLU C 15 8.99 -61.16 35.62
CA GLU C 15 9.31 -60.07 34.65
C GLU C 15 8.06 -59.20 34.43
N ILE C 16 8.25 -57.92 34.10
CA ILE C 16 7.17 -56.99 33.68
C ILE C 16 6.83 -57.28 32.22
N ASP C 17 5.89 -58.20 31.98
CA ASP C 17 5.44 -58.62 30.62
C ASP C 17 4.13 -57.89 30.28
N GLU C 18 3.39 -58.40 29.29
CA GLU C 18 2.05 -57.89 28.90
C GLU C 18 0.97 -58.54 29.79
N SER C 19 1.24 -59.74 30.31
CA SER C 19 0.30 -60.58 31.12
C SER C 19 -0.38 -59.73 32.20
N LEU C 20 0.33 -58.75 32.74
CA LEU C 20 -0.01 -58.05 34.01
C LEU C 20 -1.28 -57.20 33.82
N ILE C 21 -1.62 -56.86 32.57
CA ILE C 21 -2.81 -56.02 32.20
C ILE C 21 -4.08 -56.80 32.58
N PHE C 22 -3.97 -58.11 32.79
CA PHE C 22 -5.10 -59.05 32.98
C PHE C 22 -5.30 -59.34 34.49
N TYR C 23 -4.23 -59.19 35.29
CA TYR C 23 -4.27 -59.26 36.78
C TYR C 23 -5.20 -58.16 37.32
N LYS C 24 -5.94 -58.47 38.38
CA LYS C 24 -6.87 -57.52 39.05
C LYS C 24 -6.05 -56.59 39.96
N LYS C 25 -6.71 -55.59 40.56
CA LYS C 25 -6.08 -54.59 41.46
C LYS C 25 -5.24 -55.33 42.51
N TRP C 26 -5.86 -56.25 43.25
CA TRP C 26 -5.29 -56.91 44.45
C TRP C 26 -4.16 -57.87 44.03
N GLU C 27 -4.29 -58.51 42.87
CA GLU C 27 -3.29 -59.47 42.32
C GLU C 27 -1.98 -58.72 42.04
N LEU C 28 -2.07 -57.49 41.52
CA LEU C 28 -0.90 -56.61 41.21
C LEU C 28 -0.23 -56.18 42.51
N GLU C 29 -1.03 -55.84 43.53
CA GLU C 29 -0.54 -55.44 44.87
C GLU C 29 0.43 -56.50 45.39
N ALA C 30 0.11 -57.78 45.16
CA ALA C 30 0.75 -58.95 45.82
C ALA C 30 1.89 -59.50 44.96
N CYS C 31 1.66 -59.64 43.64
CA CYS C 31 2.42 -60.54 42.73
C CYS C 31 3.66 -59.83 42.16
N VAL C 32 3.57 -58.50 41.98
CA VAL C 32 4.67 -57.66 41.40
C VAL C 32 5.63 -57.27 42.53
N ASP C 33 6.84 -57.82 42.52
CA ASP C 33 8.00 -57.37 43.32
C ASP C 33 8.23 -55.87 43.06
N ALA C 34 8.36 -55.08 44.13
CA ALA C 34 8.61 -53.62 44.09
C ALA C 34 9.98 -53.35 43.48
N ALA C 35 10.99 -54.13 43.89
CA ALA C 35 12.41 -53.98 43.50
C ALA C 35 12.57 -54.24 41.99
N LEU C 36 11.78 -55.18 41.45
CA LEU C 36 11.76 -55.53 39.99
C LEU C 36 11.18 -54.37 39.20
N LEU C 37 10.07 -53.78 39.68
CA LEU C 37 9.37 -52.63 39.04
C LEU C 37 10.38 -51.50 38.79
N ALA C 38 11.21 -51.19 39.78
CA ALA C 38 12.22 -50.09 39.76
C ALA C 38 13.23 -50.34 38.63
N THR C 39 13.80 -51.54 38.57
CA THR C 39 14.88 -51.93 37.64
C THR C 39 14.30 -52.11 36.23
N GLN C 40 13.02 -52.49 36.13
CA GLN C 40 12.33 -52.82 34.85
C GLN C 40 11.38 -51.68 34.47
N MET C 41 11.54 -50.50 35.08
CA MET C 41 10.64 -49.33 34.92
C MET C 41 10.58 -48.91 33.43
N ASP C 42 11.64 -49.19 32.67
CA ASP C 42 11.76 -48.77 31.25
C ASP C 42 10.57 -49.30 30.45
N ARG C 43 10.03 -50.47 30.83
CA ARG C 43 9.09 -51.29 30.00
C ARG C 43 7.65 -50.82 30.23
N VAL C 44 7.36 -50.23 31.41
CA VAL C 44 5.99 -50.06 31.98
C VAL C 44 5.19 -49.08 31.10
N ASN C 45 5.90 -48.19 30.38
CA ASN C 45 5.31 -47.25 29.39
C ASN C 45 4.45 -48.02 28.39
N ALA C 46 5.05 -49.03 27.74
CA ALA C 46 4.46 -49.80 26.61
C ALA C 46 3.17 -50.50 27.08
N ILE C 47 3.15 -51.02 28.32
CA ILE C 47 2.12 -51.99 28.83
C ILE C 47 0.81 -51.23 29.08
N PRO C 48 -0.25 -51.52 28.29
CA PRO C 48 -1.52 -50.77 28.40
C PRO C 48 -2.29 -51.10 29.69
N PHE C 49 -1.86 -50.55 30.83
CA PHE C 49 -2.54 -50.64 32.15
C PHE C 49 -3.72 -49.65 32.18
N THR C 50 -4.70 -49.90 33.05
CA THR C 50 -5.77 -48.94 33.43
C THR C 50 -5.24 -48.01 34.53
N TYR C 51 -5.91 -46.86 34.75
CA TYR C 51 -5.59 -45.90 35.83
C TYR C 51 -5.60 -46.64 37.17
N GLU C 52 -6.69 -47.38 37.45
CA GLU C 52 -6.82 -48.26 38.64
C GLU C 52 -5.52 -49.03 38.84
N GLN C 53 -5.06 -49.73 37.79
CA GLN C 53 -3.90 -50.67 37.83
C GLN C 53 -2.63 -49.88 38.15
N LEU C 54 -2.55 -48.62 37.72
CA LEU C 54 -1.36 -47.75 37.87
C LEU C 54 -1.28 -47.23 39.31
N ASP C 55 -2.41 -46.80 39.87
CA ASP C 55 -2.53 -46.39 41.30
C ASP C 55 -1.76 -47.40 42.16
N VAL C 56 -1.85 -48.70 41.80
CA VAL C 56 -1.26 -49.85 42.56
C VAL C 56 0.25 -49.89 42.30
N LEU C 57 0.70 -49.47 41.11
CA LEU C 57 2.13 -49.45 40.71
C LEU C 57 2.83 -48.22 41.29
N LYS C 58 2.13 -47.08 41.30
CA LYS C 58 2.57 -45.85 42.02
C LYS C 58 2.91 -46.23 43.45
N HIS C 59 1.89 -46.69 44.20
CA HIS C 59 1.96 -46.93 45.67
C HIS C 59 3.11 -47.91 45.99
N LYS C 60 3.36 -48.88 45.10
CA LYS C 60 4.57 -49.77 45.16
C LYS C 60 5.81 -48.90 45.34
N LEU C 61 6.19 -48.15 44.30
CA LEU C 61 7.45 -47.38 44.24
C LEU C 61 7.54 -46.42 45.43
N ASP C 62 6.40 -45.86 45.84
CA ASP C 62 6.27 -45.02 47.07
C ASP C 62 6.91 -45.76 48.25
N GLU C 63 6.54 -47.04 48.45
CA GLU C 63 7.10 -47.92 49.54
C GLU C 63 8.62 -48.04 49.36
N LEU C 64 9.08 -48.36 48.15
CA LEU C 64 10.47 -48.75 47.83
C LEU C 64 11.41 -47.57 48.09
N TYR C 65 10.94 -46.35 47.84
CA TYR C 65 11.68 -45.08 48.05
C TYR C 65 10.80 -44.10 48.81
N PRO C 66 10.69 -44.22 50.17
CA PRO C 66 9.81 -43.35 50.95
C PRO C 66 10.46 -41.99 51.29
N GLN C 67 11.66 -41.74 50.75
CA GLN C 67 12.50 -40.55 51.07
C GLN C 67 12.71 -39.71 49.80
N GLY C 68 12.60 -40.32 48.62
CA GLY C 68 12.72 -39.63 47.32
C GLY C 68 12.42 -40.55 46.14
N TYR C 69 13.29 -40.53 45.13
CA TYR C 69 13.09 -41.15 43.79
C TYR C 69 14.36 -40.98 42.96
N PRO C 70 15.10 -42.07 42.65
CA PRO C 70 16.23 -41.98 41.72
C PRO C 70 15.81 -41.34 40.38
N GLU C 71 16.68 -40.50 39.83
CA GLU C 71 16.53 -39.91 38.47
C GLU C 71 16.22 -41.04 37.47
N SER C 72 16.81 -42.22 37.69
CA SER C 72 16.57 -43.47 36.92
C SER C 72 15.05 -43.68 36.74
N VAL C 73 14.33 -43.87 37.85
CA VAL C 73 12.84 -44.06 37.88
C VAL C 73 12.18 -42.85 37.20
N ILE C 74 12.57 -41.63 37.61
CA ILE C 74 11.99 -40.35 37.14
C ILE C 74 12.06 -40.30 35.60
N GLN C 75 13.18 -40.74 35.03
CA GLN C 75 13.40 -40.81 33.55
C GLN C 75 12.17 -41.46 32.90
N HIS C 76 11.93 -42.75 33.18
CA HIS C 76 10.93 -43.61 32.48
C HIS C 76 9.64 -43.68 33.30
N LEU C 77 9.34 -42.65 34.10
CA LEU C 77 8.13 -42.59 34.98
C LEU C 77 6.86 -42.70 34.14
N GLY C 78 6.95 -42.34 32.85
CA GLY C 78 5.86 -42.52 31.87
C GLY C 78 4.66 -41.66 32.21
N TYR C 79 3.48 -42.29 32.33
CA TYR C 79 2.16 -41.61 32.45
C TYR C 79 1.79 -41.43 33.93
N LEU C 80 2.69 -41.83 34.84
CA LEU C 80 2.44 -41.87 36.31
C LEU C 80 2.70 -40.47 36.91
N PHE C 81 3.28 -39.56 36.13
CA PHE C 81 3.54 -38.15 36.54
C PHE C 81 2.23 -37.50 36.99
N LEU C 82 1.15 -37.78 36.27
CA LEU C 82 -0.19 -37.20 36.51
C LEU C 82 -0.71 -37.65 37.88
N LYS C 83 -0.48 -38.93 38.23
CA LYS C 83 -0.92 -39.55 39.50
C LYS C 83 0.02 -39.12 40.64
N MET C 84 1.26 -38.76 40.30
CA MET C 84 2.30 -38.31 41.26
C MET C 84 1.85 -36.99 41.92
N SER C 85 1.36 -37.06 43.16
CA SER C 85 0.90 -35.90 43.97
C SER C 85 2.01 -34.85 44.07
N PRO C 86 1.69 -33.54 43.92
CA PRO C 86 2.69 -32.47 44.07
C PRO C 86 3.62 -32.63 45.29
N GLU C 87 3.06 -33.05 46.44
CA GLU C 87 3.77 -33.26 47.73
C GLU C 87 5.03 -34.11 47.47
N ASP C 88 4.87 -35.26 46.80
CA ASP C 88 5.95 -36.22 46.49
C ASP C 88 7.07 -35.50 45.72
N ILE C 89 6.72 -34.76 44.68
CA ILE C 89 7.66 -34.16 43.68
C ILE C 89 8.51 -33.11 44.39
N ARG C 90 7.99 -32.50 45.46
CA ARG C 90 8.61 -31.35 46.17
C ARG C 90 9.98 -31.76 46.76
N LYS C 91 10.37 -33.04 46.59
CA LYS C 91 11.53 -33.65 47.29
C LYS C 91 12.39 -34.46 46.30
N TRP C 92 12.40 -34.09 45.01
CA TRP C 92 13.10 -34.83 43.93
C TRP C 92 14.49 -34.24 43.69
N ASN C 93 15.37 -35.02 43.06
CA ASN C 93 16.75 -34.63 42.65
C ASN C 93 16.88 -34.78 41.14
N VAL C 94 15.99 -34.14 40.37
CA VAL C 94 15.83 -34.36 38.89
C VAL C 94 17.18 -34.12 38.18
N THR C 95 17.65 -32.86 38.14
CA THR C 95 19.03 -32.43 37.70
C THR C 95 19.35 -33.04 36.33
N SER C 96 18.54 -32.74 35.32
CA SER C 96 18.74 -33.12 33.89
C SER C 96 17.69 -32.41 33.02
N LEU C 97 18.00 -32.18 31.75
CA LEU C 97 17.10 -31.48 30.79
C LEU C 97 16.24 -32.50 30.03
N GLU C 98 16.81 -33.66 29.69
CA GLU C 98 16.15 -34.71 28.88
C GLU C 98 15.00 -35.33 29.68
N THR C 99 15.19 -35.52 31.00
CA THR C 99 14.14 -36.05 31.93
C THR C 99 13.02 -35.02 32.07
N LEU C 100 13.37 -33.73 32.18
CA LEU C 100 12.41 -32.59 32.17
C LEU C 100 11.57 -32.67 30.88
N LYS C 101 12.22 -32.64 29.72
CA LYS C 101 11.55 -32.84 28.41
C LYS C 101 10.60 -34.05 28.52
N ALA C 102 11.14 -35.23 28.83
CA ALA C 102 10.38 -36.50 28.97
C ALA C 102 9.08 -36.26 29.76
N LEU C 103 9.18 -35.63 30.93
CA LEU C 103 8.06 -35.48 31.91
C LEU C 103 7.02 -34.48 31.35
N LEU C 104 7.45 -33.49 30.58
CA LEU C 104 6.61 -32.33 30.14
C LEU C 104 5.92 -32.67 28.80
N GLU C 105 6.50 -33.61 28.03
CA GLU C 105 5.90 -34.15 26.78
C GLU C 105 4.55 -34.78 27.11
N VAL C 106 4.48 -35.57 28.18
CA VAL C 106 3.26 -36.31 28.62
C VAL C 106 2.32 -35.32 29.34
N ASN C 107 2.89 -34.32 30.02
CA ASN C 107 2.13 -33.24 30.72
C ASN C 107 1.30 -32.46 29.69
N LYS C 108 1.80 -32.36 28.45
CA LYS C 108 1.05 -31.80 27.27
C LYS C 108 -0.16 -32.70 26.98
N GLY C 109 0.01 -34.02 27.10
CA GLY C 109 -1.08 -35.01 27.03
C GLY C 109 -1.89 -35.06 28.32
N PRO C 120 -4.73 -24.85 35.49
CA PRO C 120 -3.31 -25.19 35.32
C PRO C 120 -3.09 -26.71 35.36
N LEU C 121 -1.83 -27.14 35.46
CA LEU C 121 -1.45 -28.50 35.93
C LEU C 121 -0.59 -28.37 37.20
N PRO C 122 -1.17 -28.70 38.39
CA PRO C 122 -0.49 -28.48 39.66
C PRO C 122 0.88 -29.19 39.74
N GLN C 123 0.96 -30.42 39.24
CA GLN C 123 2.19 -31.26 39.22
C GLN C 123 3.28 -30.53 38.44
N VAL C 124 2.95 -30.07 37.22
CA VAL C 124 3.90 -29.42 36.26
C VAL C 124 4.64 -28.30 37.00
N ALA C 125 3.91 -27.32 37.54
CA ALA C 125 4.45 -26.17 38.28
C ALA C 125 5.56 -26.64 39.23
N THR C 126 5.19 -27.41 40.26
CA THR C 126 6.06 -27.80 41.42
C THR C 126 7.31 -28.53 40.90
N LEU C 127 7.19 -29.25 39.78
CA LEU C 127 8.33 -29.98 39.15
C LEU C 127 9.37 -28.97 38.66
N ILE C 128 8.95 -28.03 37.82
CA ILE C 128 9.85 -27.02 37.17
C ILE C 128 10.62 -26.28 38.27
N ASP C 129 9.90 -25.84 39.32
CA ASP C 129 10.44 -25.08 40.47
C ASP C 129 11.59 -25.87 41.13
N ARG C 130 11.54 -27.21 41.04
CA ARG C 130 12.53 -28.12 41.67
C ARG C 130 13.77 -28.26 40.77
N PHE C 131 13.61 -28.09 39.45
CA PHE C 131 14.72 -28.15 38.46
C PHE C 131 15.60 -26.89 38.60
N VAL C 132 14.97 -25.72 38.69
CA VAL C 132 15.68 -24.41 38.81
C VAL C 132 16.23 -24.29 40.23
N LYS C 133 15.43 -24.66 41.25
CA LYS C 133 15.79 -24.61 42.69
C LYS C 133 17.12 -25.35 42.89
N GLY C 134 17.37 -26.40 42.10
CA GLY C 134 18.65 -27.15 42.08
C GLY C 134 19.66 -26.49 41.15
N ARG C 135 19.28 -26.27 39.88
CA ARG C 135 20.16 -25.73 38.81
C ARG C 135 20.76 -24.39 39.26
N GLY C 136 20.08 -23.67 40.16
CA GLY C 136 20.61 -22.48 40.87
C GLY C 136 20.17 -21.18 40.22
N GLN C 137 20.17 -21.14 38.89
CA GLN C 137 19.67 -19.99 38.08
C GLN C 137 18.85 -20.53 36.89
N LEU C 138 17.88 -19.76 36.41
CA LEU C 138 17.05 -20.08 35.22
C LEU C 138 17.84 -19.75 33.94
N ASP C 139 18.62 -20.72 33.44
CA ASP C 139 19.62 -20.53 32.35
C ASP C 139 18.89 -20.35 31.02
N LYS C 140 19.62 -19.92 29.99
CA LYS C 140 19.10 -19.72 28.60
C LYS C 140 18.44 -21.02 28.13
N ASP C 141 19.22 -22.10 28.03
CA ASP C 141 18.82 -23.41 27.43
C ASP C 141 17.67 -24.01 28.24
N THR C 142 17.65 -23.79 29.56
CA THR C 142 16.53 -24.11 30.49
C THR C 142 15.24 -23.49 29.95
N LEU C 143 15.23 -22.16 29.81
CA LEU C 143 14.05 -21.33 29.45
C LEU C 143 13.70 -21.56 27.97
N ASP C 144 14.67 -22.00 27.16
CA ASP C 144 14.48 -22.33 25.73
C ASP C 144 13.48 -23.50 25.62
N THR C 145 13.73 -24.60 26.35
CA THR C 145 12.94 -25.86 26.28
C THR C 145 11.63 -25.71 27.07
N LEU C 146 11.64 -24.96 28.17
CA LEU C 146 10.44 -24.69 29.03
C LEU C 146 9.34 -24.00 28.19
N THR C 147 9.72 -23.01 27.38
CA THR C 147 8.80 -22.19 26.54
C THR C 147 8.40 -22.99 25.31
N ALA C 148 9.18 -24.03 24.97
CA ALA C 148 8.91 -24.97 23.85
C ALA C 148 7.74 -25.88 24.20
N PHE C 149 7.24 -25.80 25.45
CA PHE C 149 6.07 -26.59 25.95
C PHE C 149 4.99 -25.65 26.50
N TYR C 150 5.40 -24.58 27.20
CA TYR C 150 4.48 -23.59 27.85
C TYR C 150 5.05 -22.17 27.67
N PRO C 151 4.92 -21.58 26.45
CA PRO C 151 5.67 -20.36 26.11
C PRO C 151 5.46 -19.22 27.13
N GLY C 152 4.21 -18.97 27.53
CA GLY C 152 3.84 -17.88 28.45
C GLY C 152 4.34 -18.13 29.87
N TYR C 153 5.15 -19.18 30.07
CA TYR C 153 5.78 -19.51 31.38
C TYR C 153 6.31 -18.22 32.01
N LEU C 154 7.20 -17.52 31.30
CA LEU C 154 7.96 -16.36 31.83
C LEU C 154 6.98 -15.34 32.41
N CYS C 155 5.89 -15.04 31.68
CA CYS C 155 4.86 -14.01 32.05
C CYS C 155 3.81 -14.63 32.99
N SER C 156 4.02 -15.89 33.40
CA SER C 156 3.21 -16.61 34.42
C SER C 156 3.82 -16.42 35.81
N LEU C 157 5.13 -16.16 35.86
CA LEU C 157 5.92 -16.03 37.12
C LEU C 157 5.54 -14.73 37.84
N SER C 158 6.19 -14.45 38.98
CA SER C 158 5.89 -13.31 39.89
C SER C 158 6.89 -12.18 39.66
N PRO C 159 6.51 -10.92 39.94
CA PRO C 159 7.45 -9.80 39.93
C PRO C 159 8.78 -10.15 40.64
N GLU C 160 8.71 -10.54 41.92
CA GLU C 160 9.89 -10.90 42.76
C GLU C 160 10.65 -12.05 42.11
N GLU C 161 9.93 -13.13 41.80
CA GLU C 161 10.47 -14.40 41.25
C GLU C 161 11.47 -14.07 40.11
N LEU C 162 11.20 -13.01 39.34
CA LEU C 162 11.87 -12.72 38.03
C LEU C 162 13.28 -12.16 38.27
N SER C 163 13.53 -11.62 39.46
CA SER C 163 14.83 -11.02 39.85
C SER C 163 15.97 -12.02 39.63
N SER C 164 15.76 -13.28 40.00
CA SER C 164 16.78 -14.38 39.97
C SER C 164 17.30 -14.57 38.53
N VAL C 165 16.46 -14.33 37.52
CA VAL C 165 16.79 -14.50 36.07
C VAL C 165 18.09 -13.76 35.79
N PRO C 166 19.14 -14.46 35.28
CA PRO C 166 20.34 -13.79 34.81
C PRO C 166 20.07 -12.98 33.55
N PRO C 167 20.55 -11.72 33.48
CA PRO C 167 20.40 -10.90 32.28
C PRO C 167 20.79 -11.63 30.98
N SER C 168 21.79 -12.52 31.06
CA SER C 168 22.25 -13.38 29.94
C SER C 168 21.07 -14.17 29.37
N SER C 169 20.13 -14.58 30.23
CA SER C 169 18.98 -15.45 29.90
C SER C 169 17.95 -14.70 29.05
N ILE C 170 17.96 -13.37 29.12
CA ILE C 170 16.96 -12.49 28.42
C ILE C 170 17.02 -12.77 26.92
N TRP C 171 18.20 -13.11 26.40
CA TRP C 171 18.44 -13.40 24.97
C TRP C 171 17.48 -14.50 24.49
N ALA C 172 17.21 -15.50 25.33
CA ALA C 172 16.39 -16.70 25.00
C ALA C 172 14.93 -16.28 24.74
N VAL C 173 14.47 -15.19 25.34
CA VAL C 173 13.07 -14.68 25.25
C VAL C 173 12.80 -14.23 23.81
N ARG C 174 11.65 -14.61 23.26
CA ARG C 174 11.09 -14.06 21.99
C ARG C 174 10.03 -13.01 22.36
N PRO C 175 9.57 -12.20 21.38
CA PRO C 175 8.40 -11.33 21.59
C PRO C 175 7.10 -12.11 21.91
N GLN C 176 6.93 -13.30 21.32
CA GLN C 176 5.80 -14.23 21.59
C GLN C 176 5.48 -14.22 23.09
N ASP C 177 6.46 -14.62 23.92
CA ASP C 177 6.31 -14.75 25.39
C ASP C 177 5.56 -13.53 25.95
N LEU C 178 5.97 -12.31 25.54
CA LEU C 178 5.79 -11.05 26.32
C LEU C 178 4.45 -10.39 25.95
N ASP C 179 3.45 -11.18 25.56
CA ASP C 179 2.08 -10.69 25.22
C ASP C 179 1.19 -10.76 26.47
N THR C 180 1.32 -11.84 27.25
CA THR C 180 0.53 -12.11 28.49
C THR C 180 1.11 -11.32 29.67
N CYS C 181 2.24 -10.63 29.46
CA CYS C 181 3.02 -9.93 30.52
C CYS C 181 2.29 -8.65 30.93
N ASP C 182 2.06 -8.47 32.23
CA ASP C 182 1.45 -7.26 32.84
C ASP C 182 2.57 -6.29 33.24
N PRO C 183 2.24 -5.00 33.49
CA PRO C 183 3.26 -4.00 33.85
C PRO C 183 4.20 -4.43 34.99
N ARG C 184 3.65 -4.64 36.20
CA ARG C 184 4.42 -4.88 37.46
C ARG C 184 5.50 -5.96 37.21
N GLN C 185 5.32 -6.75 36.13
CA GLN C 185 6.28 -7.80 35.67
C GLN C 185 7.34 -7.16 34.75
N LEU C 186 6.91 -6.51 33.68
CA LEU C 186 7.79 -5.89 32.65
C LEU C 186 8.73 -4.89 33.33
N ASP C 187 8.25 -4.23 34.40
CA ASP C 187 9.05 -3.40 35.32
C ASP C 187 10.36 -4.12 35.65
N VAL C 188 10.25 -5.35 36.16
CA VAL C 188 11.39 -6.16 36.67
C VAL C 188 12.21 -6.70 35.47
N LEU C 189 11.60 -6.70 34.29
CA LEU C 189 12.16 -7.38 33.08
C LEU C 189 12.96 -6.38 32.23
N TYR C 190 12.51 -5.12 32.15
CA TYR C 190 13.13 -4.07 31.28
C TYR C 190 14.58 -3.84 31.69
N PRO C 191 14.86 -3.58 32.99
CA PRO C 191 16.22 -3.33 33.44
C PRO C 191 17.18 -4.38 32.86
N LYS C 192 16.86 -5.65 33.08
CA LYS C 192 17.73 -6.81 32.74
C LYS C 192 18.05 -6.78 31.24
N ALA C 193 17.02 -6.61 30.41
CA ALA C 193 17.14 -6.54 28.93
C ALA C 193 18.07 -5.37 28.55
N ARG C 194 17.90 -4.23 29.22
CA ARG C 194 18.64 -2.95 28.98
C ARG C 194 20.14 -3.16 29.27
N LEU C 195 20.47 -4.21 30.04
CA LEU C 195 21.87 -4.64 30.34
C LEU C 195 22.32 -5.69 29.30
N ALA C 196 21.43 -6.61 28.95
CA ALA C 196 21.68 -7.72 28.00
C ALA C 196 21.87 -7.17 26.59
N PHE C 197 21.41 -5.95 26.32
CA PHE C 197 21.26 -5.37 24.96
C PHE C 197 21.95 -4.01 24.86
N GLN C 198 22.89 -3.71 25.76
CA GLN C 198 23.63 -2.41 25.80
C GLN C 198 25.03 -2.59 25.20
N ASN C 199 25.33 -3.81 24.70
CA ASN C 199 26.51 -4.10 23.83
C ASN C 199 26.14 -3.81 22.36
N MET C 200 24.99 -3.15 22.13
CA MET C 200 24.40 -2.88 20.78
C MET C 200 24.12 -1.37 20.65
N ASN C 201 23.68 -0.93 19.46
CA ASN C 201 23.27 0.48 19.18
C ASN C 201 22.41 0.53 17.90
N GLY C 202 21.40 1.41 17.89
CA GLY C 202 20.66 1.83 16.67
C GLY C 202 19.86 0.68 16.06
N SER C 203 20.04 0.47 14.74
CA SER C 203 19.31 -0.54 13.93
C SER C 203 19.46 -1.94 14.55
N GLU C 204 20.42 -2.10 15.47
CA GLU C 204 20.67 -3.34 16.25
C GLU C 204 19.86 -3.30 17.54
N TYR C 205 20.15 -2.32 18.41
CA TYR C 205 19.63 -2.23 19.81
C TYR C 205 18.11 -2.36 19.80
N PHE C 206 17.43 -1.64 18.90
CA PHE C 206 15.96 -1.44 18.95
C PHE C 206 15.25 -2.77 18.76
N VAL C 207 15.46 -3.43 17.62
CA VAL C 207 14.81 -4.74 17.31
C VAL C 207 14.68 -5.54 18.62
N LYS C 208 15.78 -5.69 19.37
CA LYS C 208 15.87 -6.52 20.59
C LYS C 208 15.02 -5.90 21.72
N ILE C 209 15.30 -4.64 22.09
CA ILE C 209 14.75 -3.94 23.31
C ILE C 209 13.24 -3.71 23.14
N GLN C 210 12.72 -3.88 21.93
CA GLN C 210 11.48 -3.23 21.43
C GLN C 210 10.28 -3.67 22.27
N SER C 211 10.20 -4.95 22.58
CA SER C 211 9.06 -5.60 23.27
C SER C 211 8.91 -5.06 24.70
N PHE C 212 10.05 -4.76 25.35
CA PHE C 212 10.17 -4.59 26.84
C PHE C 212 9.79 -3.16 27.26
N LEU C 213 9.59 -2.28 26.29
CA LEU C 213 9.42 -0.82 26.50
C LEU C 213 8.13 -0.56 27.30
N GLY C 214 7.35 -1.60 27.55
CA GLY C 214 6.26 -1.59 28.55
C GLY C 214 6.75 -1.10 29.90
N GLY C 215 7.93 -1.57 30.33
CA GLY C 215 8.54 -1.20 31.62
C GLY C 215 9.15 0.19 31.59
N ALA C 216 9.66 0.59 30.41
CA ALA C 216 10.63 1.70 30.22
C ALA C 216 10.08 3.01 30.77
N PRO C 217 10.88 3.77 31.56
CA PRO C 217 10.50 5.09 32.03
C PRO C 217 10.87 6.23 31.05
N THR C 218 10.50 7.47 31.41
CA THR C 218 10.65 8.69 30.58
C THR C 218 12.11 8.85 30.15
N GLU C 219 13.02 9.03 31.11
CA GLU C 219 14.47 9.30 30.89
C GLU C 219 15.00 8.42 29.75
N ASP C 220 14.65 7.13 29.77
CA ASP C 220 15.19 6.10 28.84
C ASP C 220 14.60 6.31 27.44
N LEU C 221 13.32 6.72 27.36
CA LEU C 221 12.62 7.03 26.09
C LEU C 221 13.28 8.24 25.42
N LYS C 222 13.61 9.27 26.21
CA LYS C 222 14.21 10.55 25.72
C LYS C 222 15.51 10.23 24.96
N ALA C 223 16.38 9.39 25.53
CA ALA C 223 17.66 8.93 24.94
C ALA C 223 17.38 8.30 23.55
N LEU C 224 16.38 7.43 23.46
CA LEU C 224 16.02 6.69 22.22
C LEU C 224 15.74 7.69 21.10
N SER C 225 14.95 8.74 21.38
CA SER C 225 14.64 9.85 20.44
C SER C 225 15.92 10.29 19.73
N GLN C 226 16.94 10.66 20.51
CA GLN C 226 18.21 11.25 20.02
C GLN C 226 18.88 10.29 19.02
N GLN C 227 18.67 8.97 19.18
CA GLN C 227 19.31 7.91 18.35
C GLN C 227 18.52 7.71 17.05
N ASN C 228 17.66 8.67 16.69
CA ASN C 228 16.82 8.64 15.45
C ASN C 228 16.20 7.23 15.28
N VAL C 229 15.59 6.70 16.34
CA VAL C 229 14.81 5.43 16.26
C VAL C 229 13.47 5.73 15.56
N SER C 230 12.99 4.80 14.73
CA SER C 230 11.65 4.85 14.08
C SER C 230 10.72 3.86 14.78
N MET C 231 9.85 4.37 15.67
CA MET C 231 8.83 3.58 16.41
C MET C 231 7.52 3.60 15.61
N ASP C 232 6.61 2.67 15.92
CA ASP C 232 5.23 2.63 15.34
C ASP C 232 4.23 2.94 16.44
N LEU C 233 2.97 3.12 16.06
CA LEU C 233 1.88 3.57 16.97
C LEU C 233 1.54 2.44 17.95
N ALA C 234 1.47 1.20 17.47
CA ALA C 234 1.26 -0.01 18.27
C ALA C 234 2.25 -0.03 19.46
N THR C 235 3.56 0.00 19.17
CA THR C 235 4.65 -0.01 20.18
C THR C 235 4.43 1.15 21.16
N PHE C 236 4.07 2.33 20.64
CA PHE C 236 3.87 3.57 21.43
C PHE C 236 2.74 3.35 22.45
N MET C 237 1.66 2.70 22.02
CA MET C 237 0.44 2.48 22.84
C MET C 237 0.78 1.56 24.03
N LYS C 238 1.96 0.93 24.02
CA LYS C 238 2.44 0.00 25.08
C LYS C 238 3.24 0.78 26.14
N LEU C 239 3.87 1.90 25.74
CA LEU C 239 4.68 2.77 26.64
C LEU C 239 3.86 3.14 27.88
N ARG C 240 4.49 3.11 29.05
CA ARG C 240 3.89 3.51 30.35
C ARG C 240 3.26 4.90 30.21
N THR C 241 1.97 5.03 30.54
CA THR C 241 1.21 6.32 30.58
C THR C 241 2.09 7.39 31.24
N ASP C 242 2.54 7.14 32.46
CA ASP C 242 3.32 8.08 33.30
C ASP C 242 4.57 8.53 32.53
N ALA C 243 5.15 7.65 31.71
CA ALA C 243 6.45 7.85 31.02
C ALA C 243 6.25 8.71 29.75
N VAL C 244 5.02 8.77 29.23
CA VAL C 244 4.68 9.53 28.00
C VAL C 244 4.52 11.02 28.36
N LEU C 245 3.92 11.32 29.53
CA LEU C 245 3.43 12.68 29.91
C LEU C 245 4.54 13.72 29.75
N PRO C 246 5.74 13.49 30.34
CA PRO C 246 6.78 14.52 30.36
C PRO C 246 7.72 14.46 29.13
N LEU C 247 7.18 14.12 27.97
CA LEU C 247 7.91 14.18 26.66
C LEU C 247 7.42 15.39 25.88
N THR C 248 8.32 16.09 25.18
CA THR C 248 7.99 17.25 24.30
C THR C 248 7.22 16.75 23.08
N VAL C 249 6.52 17.65 22.40
CA VAL C 249 5.94 17.42 21.05
C VAL C 249 7.09 16.99 20.12
N ALA C 250 8.28 17.56 20.31
CA ALA C 250 9.52 17.25 19.57
C ALA C 250 9.85 15.77 19.69
N GLU C 251 9.98 15.29 20.93
CA GLU C 251 10.50 13.93 21.28
C GLU C 251 9.48 12.87 20.88
N VAL C 252 8.19 13.22 20.89
CA VAL C 252 7.09 12.34 20.41
C VAL C 252 7.27 12.13 18.90
N GLN C 253 7.44 13.21 18.14
CA GLN C 253 7.51 13.19 16.65
C GLN C 253 8.83 12.57 16.19
N LYS C 254 9.85 12.60 17.06
CA LYS C 254 11.20 12.00 16.79
C LYS C 254 11.09 10.46 16.91
N LEU C 255 10.50 9.96 18.01
CA LEU C 255 10.23 8.51 18.23
C LEU C 255 9.40 7.98 17.06
N LEU C 256 8.19 8.52 16.89
CA LEU C 256 7.14 8.00 15.97
C LEU C 256 7.57 8.24 14.52
N GLY C 257 8.51 9.15 14.28
CA GLY C 257 8.89 9.59 12.94
C GLY C 257 7.66 9.70 12.03
N PRO C 258 7.61 8.93 10.90
CA PRO C 258 6.56 9.12 9.90
C PRO C 258 5.22 8.48 10.32
N HIS C 259 5.24 7.60 11.33
CA HIS C 259 4.04 6.90 11.88
C HIS C 259 3.19 7.90 12.69
N VAL C 260 3.74 9.07 12.98
CA VAL C 260 3.03 10.17 13.70
C VAL C 260 1.69 10.46 13.00
N GLU C 261 1.62 10.20 11.69
CA GLU C 261 0.45 10.52 10.83
C GLU C 261 -0.82 9.89 11.43
N GLY C 262 -0.69 8.68 11.98
CA GLY C 262 -1.82 7.85 12.46
C GLY C 262 -2.22 8.16 13.90
N LEU C 263 -1.56 9.15 14.53
CA LEU C 263 -1.69 9.46 15.98
C LEU C 263 -3.04 10.13 16.26
N LYS C 264 -3.56 10.87 15.28
CA LYS C 264 -4.90 11.49 15.33
C LYS C 264 -5.90 10.47 15.89
N ALA C 265 -5.83 9.22 15.41
CA ALA C 265 -6.82 8.13 15.67
C ALA C 265 -6.93 7.87 17.18
N GLU C 266 -5.81 7.89 17.90
CA GLU C 266 -5.74 7.46 19.33
C GLU C 266 -5.90 8.68 20.23
N GLU C 267 -6.35 9.82 19.68
CA GLU C 267 -6.55 11.09 20.43
C GLU C 267 -7.26 10.79 21.76
N ARG C 268 -8.38 10.07 21.69
CA ARG C 268 -9.28 9.82 22.86
C ARG C 268 -9.05 8.41 23.40
N HIS C 269 -7.82 7.89 23.29
CA HIS C 269 -7.41 6.57 23.84
C HIS C 269 -6.79 6.76 25.22
N ARG C 270 -5.55 6.31 25.42
CA ARG C 270 -4.96 6.06 26.76
C ARG C 270 -3.64 6.80 26.89
N PRO C 271 -2.50 6.23 26.42
CA PRO C 271 -1.19 6.79 26.69
C PRO C 271 -1.10 8.27 26.26
N VAL C 272 -1.76 8.62 25.16
CA VAL C 272 -1.63 9.94 24.46
C VAL C 272 -2.78 10.86 24.90
N ARG C 273 -3.94 10.31 25.24
CA ARG C 273 -5.09 11.08 25.78
C ARG C 273 -4.58 12.09 26.79
N ASP C 274 -4.01 11.59 27.90
CA ASP C 274 -3.46 12.39 29.02
C ASP C 274 -2.40 13.36 28.49
N TRP C 275 -1.48 12.87 27.64
CA TRP C 275 -0.35 13.64 27.09
C TRP C 275 -0.86 14.92 26.40
N ILE C 276 -1.86 14.77 25.52
CA ILE C 276 -2.45 15.88 24.72
C ILE C 276 -2.89 17.00 25.66
N LEU C 277 -3.61 16.65 26.73
CA LEU C 277 -4.21 17.62 27.69
C LEU C 277 -3.09 18.36 28.42
N ARG C 278 -2.01 17.66 28.76
CA ARG C 278 -0.86 18.20 29.55
C ARG C 278 -0.04 19.17 28.69
N GLN C 279 -0.40 19.31 27.41
CA GLN C 279 0.36 20.10 26.40
C GLN C 279 -0.49 21.29 25.94
N ARG C 280 0.16 22.40 25.59
CA ARG C 280 -0.49 23.64 25.11
C ARG C 280 -1.04 23.39 23.69
N GLN C 281 -2.18 23.98 23.36
CA GLN C 281 -2.78 23.91 22.01
C GLN C 281 -1.77 24.43 20.98
N ASP C 282 -1.02 25.48 21.35
CA ASP C 282 -0.07 26.20 20.46
C ASP C 282 1.11 25.26 20.11
N ASP C 283 1.37 24.26 20.96
CA ASP C 283 2.45 23.24 20.78
C ASP C 283 1.97 22.18 19.78
N LEU C 284 0.79 21.59 20.03
CA LEU C 284 0.17 20.51 19.21
C LEU C 284 0.03 20.99 17.77
N ASP C 285 -0.58 22.17 17.57
CA ASP C 285 -0.93 22.74 16.24
C ASP C 285 0.19 22.44 15.25
N THR C 286 1.45 22.50 15.70
CA THR C 286 2.66 22.41 14.86
C THR C 286 2.78 21.00 14.27
N LEU C 287 2.02 20.02 14.80
CA LEU C 287 2.11 18.57 14.42
C LEU C 287 1.36 18.33 13.08
N GLY C 288 0.51 19.27 12.67
CA GLY C 288 -0.25 19.21 11.41
C GLY C 288 -1.29 18.11 11.43
N LEU C 289 -1.71 17.68 12.63
CA LEU C 289 -2.61 16.52 12.85
C LEU C 289 -4.04 17.02 13.11
N GLY C 290 -4.17 18.22 13.69
CA GLY C 290 -5.45 18.78 14.15
C GLY C 290 -5.97 18.10 15.39
N LEU C 291 -5.13 18.00 16.43
CA LEU C 291 -5.53 17.57 17.80
C LEU C 291 -6.01 18.79 18.58
N GLN C 292 -7.01 18.61 19.44
CA GLN C 292 -7.62 19.69 20.26
C GLN C 292 -7.52 19.29 21.75
N GLY C 293 -7.50 20.29 22.65
CA GLY C 293 -7.32 20.13 24.10
C GLY C 293 -5.95 20.60 24.57
N GLY C 294 -5.92 21.55 25.50
CA GLY C 294 -4.68 22.15 26.02
C GLY C 294 -4.89 23.59 26.47
N ILE C 295 -3.81 24.35 26.58
CA ILE C 295 -3.82 25.78 27.02
C ILE C 295 -3.64 26.68 25.80
N PRO C 296 -4.63 27.56 25.47
CA PRO C 296 -4.41 28.65 24.54
C PRO C 296 -3.77 29.88 25.22
N ASN C 297 -2.43 29.93 25.26
CA ASN C 297 -1.66 30.97 26.00
C ASN C 297 -1.42 32.18 25.08
N GLY C 298 -0.98 33.30 25.66
CA GLY C 298 -0.48 34.49 24.94
C GLY C 298 -1.45 34.95 23.86
C1 NAG D . 19.76 11.84 12.94
C2 NAG D . 21.25 11.57 12.70
C3 NAG D . 21.87 12.46 11.61
C4 NAG D . 21.28 13.88 11.57
C5 NAG D . 19.76 13.91 11.82
C6 NAG D . 19.04 14.73 10.75
C7 NAG D . 22.12 10.68 14.79
C8 NAG D . 22.83 10.99 16.08
N2 NAG D . 21.95 11.72 13.95
O3 NAG D . 21.69 11.84 10.32
O4 NAG D . 21.95 14.68 12.55
O5 NAG D . 19.24 12.57 11.84
O6 NAG D . 17.82 15.26 11.28
O7 NAG D . 21.72 9.56 14.54
C1 NAG E . 20.13 -34.73 46.28
C2 NAG E . 20.01 -35.81 47.41
C3 NAG E . 20.83 -35.44 48.64
C4 NAG E . 22.23 -34.99 48.29
C5 NAG E . 22.18 -33.90 47.23
C6 NAG E . 23.57 -33.40 46.85
C7 NAG E . 17.95 -37.12 47.53
C8 NAG E . 16.55 -37.16 48.04
N2 NAG E . 18.63 -35.99 47.81
O3 NAG E . 20.89 -36.57 49.51
O4 NAG E . 22.89 -34.49 49.45
O5 NAG E . 21.52 -34.41 46.07
O6 NAG E . 24.48 -34.50 46.82
O7 NAG E . 18.44 -38.05 46.93
#